data_7BKA
#
_entry.id   7BKA
#
_cell.length_a   113.670
_cell.length_b   142.030
_cell.length_c   77.900
_cell.angle_alpha   90.000
_cell.angle_beta   114.140
_cell.angle_gamma   90.000
#
_symmetry.space_group_name_H-M   'C 1 2 1'
#
loop_
_entity.id
_entity.type
_entity.pdbx_description
1 polymer '3-hydroxydecanoyl-[acyl-carrier-protein] dehydratase'
2 non-polymer 4-ethylbenzenesulfonamide
3 non-polymer 'DIMETHYL SULFOXIDE'
4 water water
#
_entity_poly.entity_id   1
_entity_poly.type   'polypeptide(L)'
_entity_poly.pdbx_seq_one_letter_code
;MTKQHAFTREDLLRCSRGELFGPGNAQLPAPNMLMIDRIVHISDVGGKYGKGELVAELDINPDLWFFACHFEGDPVMPGC
LGLDAMWQLVGFYLGWQGNPGRGRALGSGEVKFFGQVLPTAKKVTYNIHIKRTINRSLVLAIADGTVSVDGREIYSAEGL
RVGLFTSTDSF
;
_entity_poly.pdbx_strand_id   A,B,C,D,E
#
loop_
_chem_comp.id
_chem_comp.type
_chem_comp.name
_chem_comp.formula
4JC non-polymer 4-ethylbenzenesulfonamide 'C8 H11 N O2 S'
DMS non-polymer 'DIMETHYL SULFOXIDE' 'C2 H6 O S'
#
# COMPACT_ATOMS: atom_id res chain seq x y z
N THR A 2 -31.33 -20.77 4.07
CA THR A 2 -29.83 -20.83 3.98
C THR A 2 -29.40 -22.22 3.48
N LYS A 3 -30.34 -23.11 3.17
CA LYS A 3 -30.07 -24.56 3.01
C LYS A 3 -29.66 -24.87 1.57
N GLN A 4 -30.54 -24.65 0.60
CA GLN A 4 -30.28 -24.95 -0.85
C GLN A 4 -29.45 -23.81 -1.47
N HIS A 5 -28.44 -24.07 -2.29
CA HIS A 5 -27.48 -23.03 -2.79
C HIS A 5 -27.62 -22.79 -4.31
N ALA A 6 -28.55 -23.53 -4.93
CA ALA A 6 -28.89 -23.44 -6.35
C ALA A 6 -30.37 -23.81 -6.52
N PHE A 7 -31.03 -23.27 -7.52
CA PHE A 7 -32.49 -23.40 -7.73
C PHE A 7 -32.75 -23.57 -9.23
N THR A 8 -33.58 -24.57 -9.56
CA THR A 8 -34.03 -24.87 -10.93
C THR A 8 -35.22 -23.98 -11.27
N ARG A 9 -35.60 -23.95 -12.54
CA ARG A 9 -36.80 -23.23 -12.99
C ARG A 9 -38.02 -23.72 -12.20
N GLU A 10 -38.13 -25.04 -11.98
CA GLU A 10 -39.29 -25.60 -11.23
C GLU A 10 -39.30 -25.06 -9.80
N ASP A 11 -38.14 -24.91 -9.16
CA ASP A 11 -38.05 -24.29 -7.81
C ASP A 11 -38.56 -22.84 -7.88
N LEU A 12 -38.19 -22.10 -8.92
CA LEU A 12 -38.55 -20.67 -9.01
C LEU A 12 -40.05 -20.57 -9.26
N LEU A 13 -40.63 -21.48 -10.06
CA LEU A 13 -42.10 -21.49 -10.25
C LEU A 13 -42.80 -21.79 -8.92
N ARG A 14 -42.28 -22.76 -8.14
CA ARG A 14 -42.83 -23.05 -6.79
C ARG A 14 -42.71 -21.77 -5.94
N CYS A 15 -41.57 -21.07 -6.03
CA CYS A 15 -41.37 -19.77 -5.33
C CYS A 15 -42.47 -18.79 -5.75
N SER A 16 -42.82 -18.72 -7.03
CA SER A 16 -43.84 -17.77 -7.56
C SER A 16 -45.22 -18.09 -6.99
N ARG A 17 -45.46 -19.36 -6.64
CA ARG A 17 -46.76 -19.83 -6.06
C ARG A 17 -46.79 -19.60 -4.54
N GLY A 18 -45.68 -19.21 -3.92
CA GLY A 18 -45.58 -18.98 -2.46
C GLY A 18 -45.17 -20.26 -1.74
N GLU A 19 -44.81 -21.30 -2.48
CA GLU A 19 -44.61 -22.68 -1.92
C GLU A 19 -43.13 -22.93 -1.63
N LEU A 20 -42.22 -21.99 -1.91
CA LEU A 20 -40.80 -22.17 -1.52
C LEU A 20 -40.61 -21.61 -0.13
N PHE A 21 -40.98 -20.35 0.11
CA PHE A 21 -40.71 -19.68 1.42
C PHE A 21 -41.99 -19.65 2.25
N GLY A 22 -43.12 -20.05 1.68
CA GLY A 22 -44.42 -20.09 2.42
C GLY A 22 -45.26 -18.85 2.15
N PRO A 23 -46.60 -18.97 2.29
CA PRO A 23 -47.50 -17.85 2.06
C PRO A 23 -47.16 -16.65 2.96
N GLY A 24 -47.24 -15.45 2.42
CA GLY A 24 -46.92 -14.18 3.12
C GLY A 24 -45.44 -13.89 3.11
N ASN A 25 -44.60 -14.75 2.50
CA ASN A 25 -43.13 -14.54 2.43
C ASN A 25 -42.75 -14.21 0.98
N ALA A 26 -41.47 -13.94 0.72
CA ALA A 26 -41.03 -13.38 -0.57
C ALA A 26 -41.42 -14.34 -1.69
N GLN A 27 -41.88 -13.78 -2.80
CA GLN A 27 -42.28 -14.51 -4.01
C GLN A 27 -41.54 -13.87 -5.17
N LEU A 28 -41.14 -14.70 -6.11
CA LEU A 28 -40.81 -14.27 -7.47
C LEU A 28 -42.10 -14.13 -8.24
N PRO A 29 -42.09 -13.32 -9.31
CA PRO A 29 -43.25 -13.22 -10.19
C PRO A 29 -43.42 -14.56 -10.92
N ALA A 30 -44.63 -14.85 -11.36
CA ALA A 30 -44.91 -15.93 -12.33
C ALA A 30 -44.68 -15.39 -13.72
N PRO A 31 -44.61 -16.25 -14.76
CA PRO A 31 -44.68 -15.76 -16.13
C PRO A 31 -45.97 -14.95 -16.31
N ASN A 32 -45.92 -13.84 -17.04
CA ASN A 32 -44.85 -13.44 -17.93
C ASN A 32 -43.95 -12.32 -17.34
N MET A 33 -44.00 -12.06 -16.04
CA MET A 33 -43.08 -11.07 -15.38
C MET A 33 -41.81 -11.76 -14.86
N LEU A 34 -41.75 -13.10 -14.80
CA LEU A 34 -40.55 -13.81 -14.33
C LEU A 34 -39.44 -13.67 -15.37
N MET A 35 -38.28 -13.15 -14.95
CA MET A 35 -37.14 -12.83 -15.84
C MET A 35 -35.91 -13.61 -15.38
N ILE A 36 -36.14 -14.74 -14.71
CA ILE A 36 -35.07 -15.66 -14.23
C ILE A 36 -35.49 -17.10 -14.51
N ASP A 37 -34.58 -17.91 -15.04
CA ASP A 37 -34.76 -19.35 -15.27
C ASP A 37 -34.10 -20.16 -14.15
N ARG A 38 -32.92 -19.76 -13.67
CA ARG A 38 -32.21 -20.52 -12.64
C ARG A 38 -31.38 -19.59 -11.75
N ILE A 39 -31.27 -19.95 -10.47
CA ILE A 39 -30.27 -19.37 -9.55
C ILE A 39 -29.15 -20.39 -9.42
N VAL A 40 -28.01 -20.06 -10.04
CA VAL A 40 -26.82 -20.94 -10.17
C VAL A 40 -26.06 -20.92 -8.84
N HIS A 41 -26.10 -19.83 -8.10
CA HIS A 41 -25.28 -19.65 -6.88
C HIS A 41 -25.95 -18.64 -5.96
N ILE A 42 -26.07 -19.00 -4.69
CA ILE A 42 -26.51 -18.05 -3.63
C ILE A 42 -25.73 -18.40 -2.38
N SER A 43 -25.21 -17.38 -1.70
CA SER A 43 -24.43 -17.51 -0.46
C SER A 43 -24.73 -16.30 0.44
N ASP A 44 -24.65 -16.49 1.76
CA ASP A 44 -24.84 -15.36 2.73
C ASP A 44 -23.47 -14.79 3.15
N VAL A 45 -22.38 -15.35 2.66
CA VAL A 45 -20.99 -14.86 2.89
C VAL A 45 -20.35 -14.62 1.52
N GLY A 46 -19.17 -14.03 1.48
CA GLY A 46 -18.50 -13.71 0.19
C GLY A 46 -19.26 -12.60 -0.52
N GLY A 47 -19.15 -12.58 -1.86
CA GLY A 47 -19.53 -11.41 -2.66
C GLY A 47 -18.60 -10.24 -2.39
N LYS A 48 -18.80 -9.18 -3.14
CA LYS A 48 -17.91 -8.00 -3.19
C LYS A 48 -17.79 -7.38 -1.78
N TYR A 49 -18.82 -7.50 -0.94
CA TYR A 49 -18.88 -6.80 0.37
C TYR A 49 -18.86 -7.80 1.51
N GLY A 50 -18.70 -9.10 1.24
CA GLY A 50 -18.68 -10.13 2.31
C GLY A 50 -20.05 -10.35 2.96
N LYS A 51 -21.15 -9.87 2.36
CA LYS A 51 -22.52 -9.96 2.94
C LYS A 51 -23.39 -10.83 2.04
N GLY A 52 -22.79 -11.55 1.09
CA GLY A 52 -23.51 -12.51 0.25
C GLY A 52 -23.60 -12.09 -1.21
N GLU A 53 -24.10 -13.00 -2.04
CA GLU A 53 -23.95 -12.98 -3.52
C GLU A 53 -25.03 -13.87 -4.12
N LEU A 54 -25.62 -13.45 -5.23
CA LEU A 54 -26.45 -14.33 -6.09
C LEU A 54 -25.92 -14.27 -7.51
N VAL A 55 -25.94 -15.41 -8.18
CA VAL A 55 -25.72 -15.54 -9.63
C VAL A 55 -26.94 -16.24 -10.19
N ALA A 56 -27.58 -15.65 -11.19
CA ALA A 56 -28.80 -16.18 -11.80
C ALA A 56 -28.71 -16.02 -13.30
N GLU A 57 -29.50 -16.81 -14.01
CA GLU A 57 -29.46 -16.87 -15.49
C GLU A 57 -30.88 -16.86 -16.06
N LEU A 58 -31.00 -16.26 -17.23
CA LEU A 58 -32.20 -16.25 -18.09
C LEU A 58 -31.76 -16.69 -19.48
N ASP A 59 -32.34 -17.80 -19.96
CA ASP A 59 -32.11 -18.28 -21.34
C ASP A 59 -32.86 -17.33 -22.29
N ILE A 60 -32.21 -16.96 -23.38
CA ILE A 60 -32.82 -16.09 -24.42
C ILE A 60 -33.13 -16.94 -25.66
N ASN A 61 -34.29 -16.75 -26.25
CA ASN A 61 -34.61 -17.29 -27.58
C ASN A 61 -35.47 -16.24 -28.28
N PRO A 62 -35.56 -16.26 -29.61
CA PRO A 62 -36.33 -15.26 -30.35
C PRO A 62 -37.83 -15.18 -30.06
N ASP A 63 -38.42 -16.19 -29.43
CA ASP A 63 -39.89 -16.31 -29.24
C ASP A 63 -40.31 -15.74 -27.88
N LEU A 64 -39.39 -15.22 -27.06
CA LEU A 64 -39.81 -14.60 -25.79
C LEU A 64 -40.74 -13.42 -26.12
N TRP A 65 -41.82 -13.31 -25.36
CA TRP A 65 -42.98 -12.45 -25.65
C TRP A 65 -42.53 -11.01 -25.87
N PHE A 66 -41.54 -10.51 -25.09
CA PHE A 66 -41.24 -9.05 -25.06
C PHE A 66 -40.57 -8.63 -26.37
N PHE A 67 -39.95 -9.55 -27.11
CA PHE A 67 -39.28 -9.23 -28.40
C PHE A 67 -40.33 -8.75 -29.43
N ALA A 68 -41.52 -9.30 -29.44
CA ALA A 68 -42.54 -9.01 -30.49
C ALA A 68 -43.09 -7.59 -30.29
N CYS A 69 -43.26 -7.15 -29.04
CA CYS A 69 -43.94 -5.86 -28.74
C CYS A 69 -42.92 -4.75 -28.38
N HIS A 70 -41.63 -5.07 -28.26
CA HIS A 70 -40.62 -4.10 -27.73
C HIS A 70 -39.33 -4.26 -28.52
N PHE A 71 -39.17 -3.57 -29.65
CA PHE A 71 -40.21 -2.84 -30.37
C PHE A 71 -40.52 -3.55 -31.69
N GLU A 72 -41.66 -3.27 -32.29
CA GLU A 72 -41.99 -3.81 -33.64
C GLU A 72 -40.92 -3.38 -34.63
N GLY A 73 -40.31 -4.35 -35.31
CA GLY A 73 -39.22 -4.15 -36.27
C GLY A 73 -37.90 -3.85 -35.58
N ASP A 74 -37.84 -3.82 -34.24
CA ASP A 74 -36.58 -3.46 -33.51
C ASP A 74 -36.59 -4.20 -32.17
N PRO A 75 -36.53 -5.54 -32.19
CA PRO A 75 -36.68 -6.36 -30.98
C PRO A 75 -35.50 -6.12 -30.04
N VAL A 76 -35.79 -5.83 -28.77
CA VAL A 76 -34.73 -5.69 -27.74
C VAL A 76 -35.35 -5.99 -26.38
N MET A 77 -34.67 -6.78 -25.56
CA MET A 77 -35.19 -7.01 -24.20
C MET A 77 -35.32 -5.68 -23.47
N PRO A 78 -36.48 -5.37 -22.87
CA PRO A 78 -36.61 -4.17 -22.06
C PRO A 78 -35.57 -4.11 -20.94
N GLY A 79 -34.83 -3.01 -20.87
CA GLY A 79 -33.88 -2.77 -19.78
C GLY A 79 -34.57 -2.84 -18.43
N CYS A 80 -35.80 -2.33 -18.34
CA CYS A 80 -36.59 -2.33 -17.09
C CYS A 80 -36.77 -3.75 -16.57
N LEU A 81 -36.85 -4.76 -17.44
CA LEU A 81 -37.09 -6.16 -17.01
C LEU A 81 -35.80 -6.77 -16.48
N GLY A 82 -34.65 -6.40 -17.04
CA GLY A 82 -33.34 -6.83 -16.51
C GLY A 82 -33.09 -6.22 -15.15
N LEU A 83 -33.40 -4.92 -15.02
CA LEU A 83 -33.32 -4.20 -13.72
C LEU A 83 -34.25 -4.90 -12.74
N ASP A 84 -35.47 -5.20 -13.19
CA ASP A 84 -36.47 -5.85 -12.32
C ASP A 84 -35.92 -7.19 -11.79
N ALA A 85 -35.31 -7.99 -12.64
CA ALA A 85 -34.75 -9.29 -12.20
C ALA A 85 -33.79 -9.05 -11.01
N MET A 86 -33.01 -7.98 -11.07
CA MET A 86 -32.03 -7.68 -9.98
C MET A 86 -32.77 -7.36 -8.69
N TRP A 87 -33.84 -6.54 -8.74
CA TRP A 87 -34.68 -6.30 -7.54
C TRP A 87 -35.25 -7.64 -7.04
N GLN A 88 -35.77 -8.46 -7.95
CA GLN A 88 -36.49 -9.72 -7.56
C GLN A 88 -35.47 -10.63 -6.84
N LEU A 89 -34.22 -10.65 -7.29
CA LEU A 89 -33.18 -11.51 -6.68
C LEU A 89 -32.83 -11.00 -5.28
N VAL A 90 -32.83 -9.68 -5.05
CA VAL A 90 -32.55 -9.15 -3.68
C VAL A 90 -33.71 -9.57 -2.76
N GLY A 91 -34.94 -9.51 -3.26
CA GLY A 91 -36.13 -10.00 -2.53
C GLY A 91 -35.99 -11.48 -2.21
N PHE A 92 -35.57 -12.28 -3.19
CA PHE A 92 -35.36 -13.74 -3.02
C PHE A 92 -34.32 -13.96 -1.92
N TYR A 93 -33.25 -13.18 -1.93
CA TYR A 93 -32.18 -13.26 -0.91
C TYR A 93 -32.77 -13.07 0.50
N LEU A 94 -33.58 -12.04 0.69
CA LEU A 94 -34.18 -11.77 2.02
C LEU A 94 -35.07 -12.94 2.46
N GLY A 95 -35.86 -13.49 1.54
CA GLY A 95 -36.70 -14.68 1.84
C GLY A 95 -35.87 -15.89 2.14
N TRP A 96 -34.78 -16.09 1.41
CA TRP A 96 -33.86 -17.23 1.57
C TRP A 96 -33.19 -17.18 2.94
N GLN A 97 -32.93 -16.00 3.46
CA GLN A 97 -32.35 -15.84 4.82
C GLN A 97 -33.37 -16.21 5.91
N GLY A 98 -34.66 -16.38 5.57
CA GLY A 98 -35.69 -16.77 6.55
C GLY A 98 -36.51 -15.57 7.06
N ASN A 99 -36.39 -14.39 6.47
CA ASN A 99 -37.20 -13.22 6.93
C ASN A 99 -38.63 -13.35 6.43
N PRO A 100 -39.63 -12.90 7.22
CA PRO A 100 -41.03 -12.94 6.80
C PRO A 100 -41.39 -11.68 6.01
N GLY A 101 -42.44 -11.77 5.19
CA GLY A 101 -43.09 -10.61 4.57
C GLY A 101 -43.01 -10.62 3.06
N ARG A 102 -43.85 -9.79 2.44
CA ARG A 102 -43.94 -9.66 0.96
C ARG A 102 -42.82 -8.71 0.53
N GLY A 103 -42.18 -8.98 -0.59
CA GLY A 103 -41.15 -8.10 -1.16
C GLY A 103 -41.76 -6.89 -1.86
N ARG A 104 -41.09 -5.75 -1.70
CA ARG A 104 -41.35 -4.51 -2.47
C ARG A 104 -40.00 -3.91 -2.81
N ALA A 105 -39.79 -3.54 -4.06
CA ALA A 105 -38.66 -2.71 -4.49
C ALA A 105 -38.85 -1.31 -3.91
N LEU A 106 -37.78 -0.71 -3.37
CA LEU A 106 -37.81 0.63 -2.77
C LEU A 106 -37.04 1.63 -3.63
N GLY A 107 -36.26 1.14 -4.58
CA GLY A 107 -35.55 2.01 -5.52
C GLY A 107 -34.13 1.57 -5.82
N SER A 108 -33.35 2.50 -6.37
CA SER A 108 -31.92 2.29 -6.69
C SER A 108 -31.18 3.62 -6.70
N GLY A 109 -29.88 3.55 -6.45
CA GLY A 109 -28.95 4.62 -6.81
C GLY A 109 -28.76 4.51 -8.33
N GLU A 110 -27.61 4.82 -8.82
CA GLU A 110 -27.38 5.00 -10.26
C GLU A 110 -27.60 3.68 -11.02
N VAL A 111 -28.39 3.75 -12.10
CA VAL A 111 -28.55 2.65 -13.09
C VAL A 111 -27.94 3.11 -14.41
N LYS A 112 -27.14 2.26 -15.03
CA LYS A 112 -26.55 2.48 -16.37
C LYS A 112 -26.85 1.28 -17.27
N PHE A 113 -27.34 1.57 -18.46
CA PHE A 113 -27.52 0.61 -19.57
C PHE A 113 -26.52 0.99 -20.65
N PHE A 114 -25.61 0.09 -20.99
CA PHE A 114 -24.53 0.37 -21.97
C PHE A 114 -24.41 -0.87 -22.88
N GLY A 115 -25.51 -1.58 -23.07
CA GLY A 115 -25.60 -2.68 -24.03
C GLY A 115 -27.02 -3.19 -24.09
N GLN A 116 -27.29 -4.19 -24.90
CA GLN A 116 -28.68 -4.61 -25.17
C GLN A 116 -28.68 -6.12 -25.44
N VAL A 117 -29.83 -6.70 -25.19
CA VAL A 117 -30.09 -8.15 -25.37
C VAL A 117 -30.96 -8.29 -26.63
N LEU A 118 -30.35 -8.85 -27.68
CA LEU A 118 -31.02 -9.05 -28.99
C LEU A 118 -31.55 -10.48 -29.03
N PRO A 119 -32.52 -10.77 -29.92
CA PRO A 119 -33.10 -12.11 -30.01
C PRO A 119 -32.11 -13.19 -30.47
N THR A 120 -30.91 -12.83 -30.93
CA THR A 120 -29.80 -13.80 -31.22
C THR A 120 -29.00 -14.22 -29.97
N ALA A 121 -29.19 -13.56 -28.83
CA ALA A 121 -28.35 -13.83 -27.62
C ALA A 121 -28.77 -15.19 -27.06
N LYS A 122 -27.91 -15.83 -26.26
CA LYS A 122 -28.18 -17.16 -25.68
C LYS A 122 -28.55 -17.05 -24.22
N LYS A 123 -27.84 -16.24 -23.44
CA LYS A 123 -28.04 -16.26 -21.97
C LYS A 123 -27.70 -14.92 -21.34
N VAL A 124 -28.63 -14.44 -20.51
CA VAL A 124 -28.44 -13.28 -19.62
C VAL A 124 -28.05 -13.80 -18.24
N THR A 125 -27.03 -13.19 -17.65
CA THR A 125 -26.52 -13.51 -16.31
C THR A 125 -26.62 -12.29 -15.40
N TYR A 126 -27.23 -12.50 -14.23
CA TYR A 126 -27.35 -11.50 -13.15
C TYR A 126 -26.34 -11.82 -12.05
N ASN A 127 -25.54 -10.83 -11.69
CA ASN A 127 -24.60 -10.91 -10.55
C ASN A 127 -25.04 -9.87 -9.53
N ILE A 128 -25.41 -10.31 -8.34
CA ILE A 128 -25.94 -9.47 -7.24
C ILE A 128 -24.98 -9.56 -6.06
N HIS A 129 -24.47 -8.44 -5.59
CA HIS A 129 -23.62 -8.32 -4.39
C HIS A 129 -24.41 -7.62 -3.30
N ILE A 130 -24.75 -8.33 -2.22
CA ILE A 130 -25.42 -7.74 -1.05
C ILE A 130 -24.43 -6.81 -0.36
N LYS A 131 -24.83 -5.57 -0.13
CA LYS A 131 -24.00 -4.52 0.47
C LYS A 131 -24.34 -4.37 1.95
N ARG A 132 -25.62 -4.38 2.30
CA ARG A 132 -26.07 -4.21 3.71
C ARG A 132 -27.46 -4.82 3.84
N THR A 133 -27.77 -5.40 5.00
CA THR A 133 -29.15 -5.71 5.45
C THR A 133 -29.45 -4.95 6.74
N ILE A 134 -30.63 -4.34 6.85
CA ILE A 134 -31.07 -3.40 7.93
C ILE A 134 -32.33 -3.99 8.55
N ASN A 135 -32.49 -3.90 9.87
CA ASN A 135 -33.75 -4.07 10.65
C ASN A 135 -34.19 -2.74 11.28
N SER A 137 -37.32 -1.14 11.46
CA SER A 137 -38.81 -1.05 11.37
C SER A 137 -39.28 -1.92 10.20
N LEU A 138 -38.48 -1.94 9.13
CA LEU A 138 -38.61 -2.90 8.00
C LEU A 138 -37.32 -3.73 7.97
N VAL A 139 -37.39 -4.96 7.51
CA VAL A 139 -36.20 -5.68 6.98
C VAL A 139 -35.96 -5.18 5.54
N LEU A 140 -34.76 -4.71 5.27
CA LEU A 140 -34.39 -4.29 3.90
C LEU A 140 -32.95 -4.65 3.57
N ALA A 141 -32.68 -4.75 2.30
CA ALA A 141 -31.35 -5.05 1.75
C ALA A 141 -31.00 -3.99 0.74
N ILE A 142 -29.73 -3.64 0.72
CA ILE A 142 -29.09 -2.78 -0.31
C ILE A 142 -28.06 -3.64 -1.02
N ALA A 143 -28.02 -3.56 -2.35
CA ALA A 143 -27.14 -4.41 -3.18
C ALA A 143 -26.68 -3.65 -4.41
N ASP A 144 -25.56 -4.06 -4.96
CA ASP A 144 -25.14 -3.66 -6.32
C ASP A 144 -25.38 -4.87 -7.22
N GLY A 145 -25.58 -4.60 -8.51
CA GLY A 145 -25.84 -5.67 -9.48
C GLY A 145 -25.30 -5.33 -10.84
N THR A 146 -25.01 -6.37 -11.62
CA THR A 146 -24.73 -6.23 -13.06
C THR A 146 -25.61 -7.23 -13.82
N VAL A 147 -25.94 -6.85 -15.04
CA VAL A 147 -26.54 -7.73 -16.06
C VAL A 147 -25.48 -7.87 -17.16
N SER A 148 -25.28 -9.09 -17.62
CA SER A 148 -24.33 -9.48 -18.69
C SER A 148 -25.10 -10.35 -19.69
N VAL A 149 -24.68 -10.31 -20.95
CA VAL A 149 -25.28 -11.15 -22.00
C VAL A 149 -24.10 -11.84 -22.71
N ASP A 150 -24.07 -13.18 -22.68
CA ASP A 150 -23.05 -14.00 -23.38
C ASP A 150 -21.66 -13.51 -22.99
N GLY A 151 -21.43 -13.22 -21.70
CA GLY A 151 -20.10 -12.83 -21.18
C GLY A 151 -19.89 -11.32 -21.08
N ARG A 152 -20.70 -10.52 -21.77
CA ARG A 152 -20.46 -9.07 -21.88
C ARG A 152 -21.32 -8.34 -20.86
N GLU A 153 -20.72 -7.56 -19.98
CA GLU A 153 -21.47 -6.69 -19.02
C GLU A 153 -22.23 -5.64 -19.83
N ILE A 154 -23.52 -5.45 -19.57
CA ILE A 154 -24.32 -4.44 -20.31
C ILE A 154 -25.04 -3.47 -19.37
N TYR A 155 -25.46 -3.86 -18.17
CA TYR A 155 -26.14 -2.94 -17.21
C TYR A 155 -25.41 -3.00 -15.87
N SER A 156 -25.45 -1.91 -15.13
CA SER A 156 -24.99 -1.83 -13.73
C SER A 156 -26.04 -1.06 -12.93
N ALA A 157 -26.21 -1.47 -11.69
CA ALA A 157 -27.09 -0.78 -10.73
C ALA A 157 -26.35 -0.71 -9.40
N GLU A 158 -26.31 0.47 -8.81
CA GLU A 158 -25.73 0.69 -7.46
C GLU A 158 -26.89 0.99 -6.54
N GLY A 159 -26.85 0.45 -5.34
CA GLY A 159 -27.81 0.76 -4.29
C GLY A 159 -29.21 0.29 -4.65
N LEU A 160 -29.37 -0.86 -5.29
CA LEU A 160 -30.70 -1.56 -5.32
C LEU A 160 -31.20 -1.69 -3.89
N ARG A 161 -32.45 -1.34 -3.64
CA ARG A 161 -33.04 -1.37 -2.29
C ARG A 161 -34.36 -2.15 -2.37
N VAL A 162 -34.50 -3.16 -1.54
CA VAL A 162 -35.71 -4.02 -1.47
C VAL A 162 -36.05 -4.20 0.00
N GLY A 163 -37.33 -4.13 0.32
CA GLY A 163 -37.83 -4.36 1.69
C GLY A 163 -38.89 -5.44 1.75
N LEU A 164 -39.15 -5.92 2.95
CA LEU A 164 -40.17 -6.96 3.25
C LEU A 164 -41.25 -6.27 4.08
N PHE A 165 -42.51 -6.57 3.76
CA PHE A 165 -43.71 -6.00 4.38
C PHE A 165 -44.50 -7.14 5.01
N THR A 166 -44.63 -7.15 6.30
CA THR A 166 -45.41 -8.18 7.05
C THR A 166 -46.90 -7.99 6.68
N SER A 167 -47.78 -8.76 7.32
CA SER A 167 -49.23 -8.80 6.98
C SER A 167 -49.89 -7.46 7.39
N THR A 168 -49.24 -6.62 8.21
CA THR A 168 -49.77 -5.30 8.64
C THR A 168 -49.12 -4.14 7.86
N ASP A 169 -48.01 -4.38 7.13
CA ASP A 169 -47.23 -3.27 6.53
C ASP A 169 -47.94 -2.72 5.28
N SER A 170 -48.05 -1.40 5.22
CA SER A 170 -48.40 -0.60 4.00
C SER A 170 -47.31 0.47 3.75
N PHE A 171 -47.29 1.06 2.55
CA PHE A 171 -46.51 2.31 2.26
C PHE A 171 -47.11 3.51 3.00
N THR B 2 -8.05 1.87 -34.17
CA THR B 2 -9.49 2.16 -33.97
C THR B 2 -10.33 1.31 -34.95
N LYS B 3 -9.69 0.51 -35.80
CA LYS B 3 -10.35 -0.14 -36.96
C LYS B 3 -10.98 -1.48 -36.50
N GLN B 4 -10.16 -2.45 -36.13
CA GLN B 4 -10.56 -3.88 -35.88
C GLN B 4 -11.19 -3.95 -34.48
N HIS B 5 -12.33 -4.62 -34.29
CA HIS B 5 -13.11 -4.61 -33.03
C HIS B 5 -13.04 -5.96 -32.31
N ALA B 6 -12.24 -6.90 -32.82
CA ALA B 6 -12.03 -8.23 -32.25
C ALA B 6 -10.64 -8.71 -32.68
N PHE B 7 -10.00 -9.51 -31.82
CA PHE B 7 -8.63 -10.04 -32.07
C PHE B 7 -8.60 -11.51 -31.66
N THR B 8 -8.02 -12.34 -32.52
CA THR B 8 -7.83 -13.80 -32.31
C THR B 8 -6.56 -14.00 -31.51
N ARG B 9 -6.36 -15.22 -31.01
CA ARG B 9 -5.12 -15.57 -30.28
C ARG B 9 -3.90 -15.27 -31.18
N GLU B 10 -3.99 -15.58 -32.48
CA GLU B 10 -2.85 -15.34 -33.40
C GLU B 10 -2.55 -13.83 -33.49
N ASP B 11 -3.57 -12.97 -33.49
CA ASP B 11 -3.37 -11.50 -33.46
C ASP B 11 -2.64 -11.11 -32.15
N LEU B 12 -3.01 -11.72 -31.02
CA LEU B 12 -2.43 -11.35 -29.70
C LEU B 12 -0.98 -11.80 -29.68
N LEU B 13 -0.68 -12.97 -30.25
CA LEU B 13 0.75 -13.42 -30.34
C LEU B 13 1.55 -12.46 -31.23
N ARG B 14 0.99 -12.02 -32.36
CA ARG B 14 1.65 -11.02 -33.26
C ARG B 14 1.87 -9.76 -32.43
N CYS B 15 0.89 -9.35 -31.63
CA CYS B 15 1.03 -8.19 -30.72
C CYS B 15 2.20 -8.40 -29.77
N SER B 16 2.36 -9.59 -29.20
CA SER B 16 3.46 -9.91 -28.23
C SER B 16 4.83 -9.79 -28.90
N ARG B 17 4.90 -10.01 -30.22
CA ARG B 17 6.15 -9.93 -31.01
C ARG B 17 6.45 -8.48 -31.42
N GLY B 18 5.53 -7.55 -31.21
CA GLY B 18 5.70 -6.13 -31.61
C GLY B 18 5.17 -5.88 -33.01
N GLU B 19 4.55 -6.88 -33.62
CA GLU B 19 4.17 -6.86 -35.06
C GLU B 19 2.72 -6.42 -35.25
N LEU B 20 1.95 -6.13 -34.19
CA LEU B 20 0.58 -5.59 -34.40
C LEU B 20 0.68 -4.07 -34.42
N PHE B 21 1.27 -3.45 -33.41
CA PHE B 21 1.31 -1.97 -33.31
C PHE B 21 2.65 -1.44 -33.81
N GLY B 22 3.63 -2.31 -34.07
CA GLY B 22 4.92 -1.92 -34.64
C GLY B 22 6.00 -1.67 -33.59
N PRO B 23 7.27 -1.54 -34.04
CA PRO B 23 8.40 -1.36 -33.13
C PRO B 23 8.26 -0.12 -32.24
N GLY B 24 8.59 -0.27 -30.96
CA GLY B 24 8.54 0.80 -29.94
C GLY B 24 7.13 1.01 -29.40
N ASN B 25 6.15 0.23 -29.85
CA ASN B 25 4.71 0.43 -29.49
C ASN B 25 4.25 -0.73 -28.62
N ALA B 26 2.99 -0.69 -28.17
CA ALA B 26 2.51 -1.52 -27.05
C ALA B 26 2.66 -2.98 -27.42
N GLN B 27 3.04 -3.81 -26.44
CA GLN B 27 3.10 -5.28 -26.59
C GLN B 27 2.26 -5.90 -25.47
N LEU B 28 1.59 -7.00 -25.79
CA LEU B 28 1.13 -7.97 -24.80
C LEU B 28 2.31 -8.87 -24.45
N PRO B 29 2.26 -9.56 -23.30
CA PRO B 29 3.24 -10.58 -22.98
C PRO B 29 3.04 -11.76 -23.93
N ALA B 30 4.09 -12.54 -24.15
CA ALA B 30 4.00 -13.87 -24.77
C ALA B 30 3.68 -14.89 -23.67
N PRO B 31 3.32 -16.15 -24.00
CA PRO B 31 3.31 -17.23 -23.02
C PRO B 31 4.69 -17.31 -22.33
N ASN B 32 4.74 -17.53 -21.02
CA ASN B 32 3.64 -18.00 -20.20
C ASN B 32 3.05 -16.87 -19.32
N MET B 33 3.32 -15.59 -19.64
CA MET B 33 2.71 -14.44 -18.90
C MET B 33 1.41 -14.00 -19.58
N LEU B 34 1.13 -14.42 -20.82
CA LEU B 34 -0.10 -14.02 -21.54
C LEU B 34 -1.29 -14.73 -20.87
N MET B 35 -2.29 -13.96 -20.43
CA MET B 35 -3.46 -14.47 -19.66
C MET B 35 -4.74 -14.11 -20.42
N ILE B 36 -4.61 -13.94 -21.73
CA ILE B 36 -5.74 -13.63 -22.65
C ILE B 36 -5.59 -14.50 -23.91
N ASP B 37 -6.68 -15.13 -24.35
CA ASP B 37 -6.75 -15.93 -25.61
C ASP B 37 -7.35 -15.08 -26.72
N ARG B 38 -8.38 -14.27 -26.43
CA ARG B 38 -9.09 -13.52 -27.49
C ARG B 38 -9.64 -12.23 -26.90
N ILE B 39 -9.66 -11.20 -27.71
CA ILE B 39 -10.43 -9.96 -27.44
C ILE B 39 -11.68 -10.05 -28.31
N VAL B 40 -12.81 -10.28 -27.67
CA VAL B 40 -14.14 -10.52 -28.32
C VAL B 40 -14.71 -9.17 -28.76
N HIS B 41 -14.40 -8.10 -28.03
CA HIS B 41 -14.93 -6.75 -28.33
C HIS B 41 -14.00 -5.68 -27.80
N ILE B 42 -13.71 -4.68 -28.61
CA ILE B 42 -12.96 -3.46 -28.20
C ILE B 42 -13.55 -2.31 -29.00
N SER B 43 -13.84 -1.21 -28.34
CA SER B 43 -14.51 -0.02 -28.91
C SER B 43 -14.04 1.21 -28.14
N ASP B 44 -13.98 2.37 -28.82
CA ASP B 44 -13.62 3.66 -28.17
C ASP B 44 -14.89 4.41 -27.76
N VAL B 45 -16.08 3.86 -28.01
CA VAL B 45 -17.38 4.42 -27.55
C VAL B 45 -18.10 3.38 -26.70
N GLY B 46 -19.14 3.80 -26.00
CA GLY B 46 -19.93 2.89 -25.13
C GLY B 46 -19.15 2.58 -23.87
N GLY B 47 -19.41 1.41 -23.28
CA GLY B 47 -18.93 1.06 -21.95
C GLY B 47 -19.65 1.87 -20.89
N LYS B 48 -19.38 1.54 -19.65
CA LYS B 48 -20.04 2.12 -18.46
C LYS B 48 -19.84 3.63 -18.41
N TYR B 49 -18.76 4.17 -19.00
CA TYR B 49 -18.48 5.63 -18.90
C TYR B 49 -18.58 6.31 -20.26
N GLY B 50 -18.97 5.60 -21.31
CA GLY B 50 -19.05 6.17 -22.67
C GLY B 50 -17.69 6.47 -23.27
N LYS B 51 -16.59 5.94 -22.71
CA LYS B 51 -15.21 6.21 -23.19
C LYS B 51 -14.58 4.93 -23.71
N GLY B 52 -15.38 3.90 -23.93
CA GLY B 52 -14.89 2.64 -24.52
C GLY B 52 -14.94 1.46 -23.57
N GLU B 53 -14.67 0.28 -24.13
CA GLU B 53 -14.95 -1.04 -23.50
C GLU B 53 -14.04 -2.07 -24.15
N LEU B 54 -13.54 -3.03 -23.36
CA LEU B 54 -12.97 -4.29 -23.89
C LEU B 54 -13.69 -5.45 -23.21
N VAL B 55 -13.92 -6.50 -23.97
CA VAL B 55 -14.33 -7.83 -23.47
C VAL B 55 -13.31 -8.80 -24.01
N ALA B 56 -12.71 -9.60 -23.13
CA ALA B 56 -11.66 -10.56 -23.51
C ALA B 56 -11.88 -11.86 -22.76
N GLU B 57 -11.28 -12.95 -23.26
CA GLU B 57 -11.51 -14.30 -22.72
C GLU B 57 -10.20 -15.07 -22.58
N LEU B 58 -10.13 -15.89 -21.54
CA LEU B 58 -9.09 -16.91 -21.33
C LEU B 58 -9.76 -18.27 -21.13
N ASP B 59 -9.44 -19.23 -21.99
CA ASP B 59 -9.92 -20.64 -21.87
C ASP B 59 -9.16 -21.30 -20.72
N ILE B 60 -9.86 -22.07 -19.89
CA ILE B 60 -9.25 -22.77 -18.72
C ILE B 60 -9.25 -24.27 -19.00
N ASN B 61 -8.17 -24.96 -18.67
CA ASN B 61 -8.14 -26.44 -18.63
C ASN B 61 -7.24 -26.81 -17.45
N PRO B 62 -7.35 -28.05 -16.94
CA PRO B 62 -6.58 -28.47 -15.76
C PRO B 62 -5.06 -28.46 -15.90
N ASP B 63 -4.53 -28.42 -17.13
CA ASP B 63 -3.08 -28.59 -17.41
C ASP B 63 -2.39 -27.24 -17.50
N LEU B 64 -3.09 -26.11 -17.36
CA LEU B 64 -2.39 -24.80 -17.40
C LEU B 64 -1.33 -24.78 -16.29
N TRP B 65 -0.15 -24.26 -16.61
CA TRP B 65 1.08 -24.39 -15.81
C TRP B 65 0.86 -23.92 -14.37
N PHE B 66 0.08 -22.85 -14.16
CA PHE B 66 0.04 -22.19 -12.83
C PHE B 66 -0.73 -23.07 -11.81
N PHE B 67 -1.56 -24.00 -12.29
CA PHE B 67 -2.35 -24.88 -11.41
C PHE B 67 -1.44 -25.82 -10.63
N ALA B 68 -0.35 -26.30 -11.24
CA ALA B 68 0.54 -27.29 -10.60
C ALA B 68 1.30 -26.64 -9.42
N CYS B 69 1.72 -25.38 -9.57
CA CYS B 69 2.60 -24.73 -8.57
C CYS B 69 1.82 -23.77 -7.65
N HIS B 70 0.51 -23.57 -7.86
CA HIS B 70 -0.26 -22.53 -7.11
C HIS B 70 -1.65 -23.06 -6.82
N PHE B 71 -1.84 -23.79 -5.71
CA PHE B 71 -0.82 -24.33 -4.84
C PHE B 71 -0.80 -25.86 -4.97
N GLU B 72 0.29 -26.52 -4.59
CA GLU B 72 0.37 -28.01 -4.60
C GLU B 72 -0.79 -28.59 -3.78
N GLY B 73 -1.64 -29.41 -4.40
CA GLY B 73 -2.82 -30.03 -3.77
C GLY B 73 -3.95 -29.04 -3.54
N ASP B 74 -3.82 -27.79 -4.00
CA ASP B 74 -4.93 -26.78 -3.89
C ASP B 74 -4.82 -25.85 -5.09
N PRO B 75 -5.04 -26.39 -6.31
CA PRO B 75 -4.86 -25.62 -7.54
C PRO B 75 -5.89 -24.48 -7.62
N VAL B 76 -5.41 -23.28 -7.92
CA VAL B 76 -6.28 -22.10 -8.11
C VAL B 76 -5.50 -21.07 -8.93
N MET B 77 -6.14 -20.50 -9.95
CA MET B 77 -5.45 -19.49 -10.78
C MET B 77 -5.03 -18.32 -9.89
N PRO B 78 -3.76 -17.90 -9.97
CA PRO B 78 -3.31 -16.72 -9.23
C PRO B 78 -4.16 -15.48 -9.54
N GLY B 79 -4.66 -14.85 -8.48
CA GLY B 79 -5.43 -13.61 -8.61
C GLY B 79 -4.59 -12.54 -9.28
N CYS B 80 -3.30 -12.49 -8.97
CA CYS B 80 -2.36 -11.49 -9.54
C CYS B 80 -2.37 -11.57 -11.07
N LEU B 81 -2.56 -12.75 -11.65
CA LEU B 81 -2.49 -12.95 -13.13
C LEU B 81 -3.82 -12.49 -13.75
N GLY B 82 -4.94 -12.64 -13.06
CA GLY B 82 -6.24 -12.11 -13.53
C GLY B 82 -6.23 -10.59 -13.50
N LEU B 83 -5.72 -10.03 -12.43
CA LEU B 83 -5.51 -8.56 -12.30
C LEU B 83 -4.57 -8.12 -13.43
N ASP B 84 -3.49 -8.86 -13.64
CA ASP B 84 -2.52 -8.50 -14.69
C ASP B 84 -3.20 -8.43 -16.05
N ALA B 85 -4.04 -9.40 -16.38
CA ALA B 85 -4.74 -9.42 -17.68
C ALA B 85 -5.48 -8.09 -17.86
N MET B 86 -6.07 -7.56 -16.79
CA MET B 86 -6.85 -6.30 -16.90
C MET B 86 -5.89 -5.14 -17.20
N TRP B 87 -4.73 -5.05 -16.52
CA TRP B 87 -3.70 -4.04 -16.87
C TRP B 87 -3.27 -4.20 -18.33
N GLN B 88 -3.01 -5.43 -18.76
CA GLN B 88 -2.48 -5.70 -20.14
C GLN B 88 -3.53 -5.21 -21.15
N LEU B 89 -4.82 -5.39 -20.87
CA LEU B 89 -5.91 -4.98 -21.78
C LEU B 89 -5.96 -3.44 -21.87
N VAL B 90 -5.74 -2.76 -20.76
CA VAL B 90 -5.75 -1.26 -20.78
C VAL B 90 -4.56 -0.77 -21.61
N GLY B 91 -3.41 -1.43 -21.49
CA GLY B 91 -2.24 -1.12 -22.33
C GLY B 91 -2.54 -1.36 -23.79
N PHE B 92 -3.16 -2.48 -24.11
CA PHE B 92 -3.58 -2.83 -25.47
C PHE B 92 -4.49 -1.73 -26.02
N TYR B 93 -5.45 -1.28 -25.21
CA TYR B 93 -6.41 -0.19 -25.57
C TYR B 93 -5.64 1.06 -26.02
N LEU B 94 -4.67 1.51 -25.24
CA LEU B 94 -3.88 2.72 -25.59
C LEU B 94 -3.13 2.54 -26.92
N GLY B 95 -2.54 1.36 -27.14
CA GLY B 95 -1.85 1.05 -28.43
C GLY B 95 -2.84 1.01 -29.57
N TRP B 96 -4.01 0.45 -29.35
CA TRP B 96 -5.08 0.29 -30.36
C TRP B 96 -5.59 1.67 -30.78
N GLN B 97 -5.60 2.63 -29.87
CA GLN B 97 -6.01 4.02 -30.21
C GLN B 97 -4.98 4.69 -31.14
N GLY B 98 -3.78 4.13 -31.28
CA GLY B 98 -2.74 4.67 -32.18
C GLY B 98 -1.72 5.50 -31.43
N ASN B 99 -1.69 5.47 -30.09
CA ASN B 99 -0.61 6.12 -29.31
C ASN B 99 0.69 5.34 -29.49
N PRO B 100 1.86 6.03 -29.49
CA PRO B 100 3.15 5.37 -29.49
C PRO B 100 3.61 5.04 -28.06
N GLY B 101 4.58 4.12 -27.95
CA GLY B 101 5.31 3.83 -26.71
C GLY B 101 4.98 2.47 -26.12
N ARG B 102 5.80 2.05 -25.16
CA ARG B 102 5.73 0.71 -24.54
C ARG B 102 4.92 0.86 -23.25
N GLY B 103 4.16 -0.16 -22.89
CA GLY B 103 3.25 -0.14 -21.72
C GLY B 103 4.01 -0.37 -20.42
N ARG B 104 3.60 0.35 -19.38
CA ARG B 104 3.91 0.03 -17.97
C ARG B 104 2.62 0.23 -17.15
N ALA B 105 2.29 -0.72 -16.30
CA ALA B 105 1.20 -0.55 -15.31
C ALA B 105 1.68 0.46 -14.25
N LEU B 106 0.79 1.35 -13.81
CA LEU B 106 1.09 2.40 -12.83
C LEU B 106 0.40 2.13 -11.50
N GLY B 107 -0.54 1.18 -11.49
CA GLY B 107 -1.21 0.75 -10.27
C GLY B 107 -2.74 0.68 -10.40
N SER B 108 -3.41 0.73 -9.26
CA SER B 108 -4.89 0.62 -9.20
C SER B 108 -5.40 1.25 -7.92
N GLY B 109 -6.64 1.72 -7.95
CA GLY B 109 -7.40 1.92 -6.71
C GLY B 109 -7.80 0.55 -6.19
N GLU B 110 -8.94 0.44 -5.59
CA GLU B 110 -9.31 -0.74 -4.81
C GLU B 110 -9.40 -1.99 -5.70
N VAL B 111 -8.74 -3.08 -5.29
CA VAL B 111 -8.89 -4.42 -5.87
C VAL B 111 -9.58 -5.31 -4.85
N LYS B 112 -10.55 -6.11 -5.31
CA LYS B 112 -11.28 -7.08 -4.48
C LYS B 112 -11.29 -8.40 -5.21
N PHE B 113 -10.89 -9.45 -4.49
CA PHE B 113 -11.02 -10.86 -4.92
C PHE B 113 -12.08 -11.49 -4.02
N PHE B 114 -13.14 -12.01 -4.62
CA PHE B 114 -14.27 -12.60 -3.85
C PHE B 114 -14.70 -13.88 -4.54
N GLY B 115 -13.79 -14.52 -5.27
CA GLY B 115 -14.06 -15.82 -5.90
C GLY B 115 -12.77 -16.33 -6.52
N GLN B 116 -12.83 -17.45 -7.22
CA GLN B 116 -11.59 -18.10 -7.70
C GLN B 116 -11.87 -18.82 -9.01
N VAL B 117 -10.78 -19.12 -9.71
CA VAL B 117 -10.78 -19.91 -10.95
C VAL B 117 -10.16 -21.26 -10.60
N LEU B 118 -10.94 -22.33 -10.62
CA LEU B 118 -10.48 -23.72 -10.34
C LEU B 118 -10.09 -24.37 -11.67
N PRO B 119 -9.28 -25.46 -11.64
CA PRO B 119 -8.92 -26.17 -12.87
C PRO B 119 -10.10 -26.78 -13.62
N THR B 120 -11.28 -26.87 -12.97
CA THR B 120 -12.52 -27.41 -13.58
C THR B 120 -13.34 -26.30 -14.24
N ALA B 121 -12.93 -25.03 -14.16
CA ALA B 121 -13.66 -23.92 -14.84
C ALA B 121 -13.42 -24.05 -16.36
N LYS B 122 -14.26 -23.43 -17.16
CA LYS B 122 -14.14 -23.46 -18.65
C LYS B 122 -13.56 -22.15 -19.18
N LYS B 123 -14.04 -21.00 -18.69
CA LYS B 123 -13.68 -19.73 -19.37
C LYS B 123 -13.69 -18.57 -18.39
N VAL B 124 -12.61 -17.79 -18.41
CA VAL B 124 -12.51 -16.50 -17.69
C VAL B 124 -12.82 -15.38 -18.69
N THR B 125 -13.67 -14.45 -18.28
CA THR B 125 -14.01 -13.26 -19.09
C THR B 125 -13.58 -12.00 -18.33
N TYR B 126 -12.89 -11.11 -19.03
CA TYR B 126 -12.51 -9.75 -18.57
C TYR B 126 -13.46 -8.73 -19.20
N ASN B 127 -14.06 -7.90 -18.34
CA ASN B 127 -14.85 -6.70 -18.78
C ASN B 127 -14.09 -5.47 -18.29
N ILE B 128 -13.66 -4.61 -19.23
CA ILE B 128 -12.85 -3.39 -18.95
C ILE B 128 -13.67 -2.20 -19.43
N HIS B 129 -13.95 -1.26 -18.55
CA HIS B 129 -14.63 0.02 -18.87
C HIS B 129 -13.62 1.16 -18.74
N ILE B 130 -13.28 1.76 -19.87
CA ILE B 130 -12.36 2.92 -19.94
C ILE B 130 -13.06 4.09 -19.26
N LYS B 131 -12.39 4.72 -18.31
CA LYS B 131 -12.95 5.84 -17.52
C LYS B 131 -12.39 7.14 -18.09
N ARG B 132 -11.09 7.22 -18.37
CA ARG B 132 -10.49 8.45 -18.97
C ARG B 132 -9.17 8.07 -19.66
N THR B 133 -8.82 8.72 -20.77
CA THR B 133 -7.48 8.65 -21.42
C THR B 133 -6.92 10.06 -21.54
N ILE B 134 -5.62 10.24 -21.31
CA ILE B 134 -4.85 11.50 -21.57
C ILE B 134 -3.82 11.21 -22.67
N ASN B 135 -3.64 12.15 -23.61
CA ASN B 135 -2.75 12.02 -24.80
C ASN B 135 -1.69 13.13 -24.88
N ARG B 136 -1.91 14.29 -24.26
CA ARG B 136 -1.24 15.56 -24.66
C ARG B 136 0.28 15.46 -24.45
N SER B 137 0.72 15.11 -23.23
CA SER B 137 2.14 14.85 -22.93
C SER B 137 2.28 13.39 -22.49
N LEU B 138 1.93 13.08 -21.24
CA LEU B 138 1.86 11.68 -20.74
C LEU B 138 0.72 10.97 -21.47
N VAL B 139 0.94 9.73 -21.89
CA VAL B 139 -0.15 8.89 -22.47
C VAL B 139 -0.59 7.93 -21.36
N LEU B 140 -1.81 8.06 -20.84
CA LEU B 140 -2.25 7.11 -19.80
C LEU B 140 -3.76 6.93 -19.83
N ALA B 141 -4.18 5.78 -19.33
CA ALA B 141 -5.61 5.41 -19.27
C ALA B 141 -5.92 5.01 -17.84
N ILE B 142 -7.13 5.36 -17.43
CA ILE B 142 -7.75 4.91 -16.16
C ILE B 142 -8.99 4.11 -16.53
N ALA B 143 -9.20 2.97 -15.88
CA ALA B 143 -10.30 2.04 -16.21
C ALA B 143 -10.78 1.31 -14.97
N ASP B 144 -12.03 0.86 -14.99
CA ASP B 144 -12.52 -0.14 -14.02
C ASP B 144 -12.61 -1.48 -14.75
N GLY B 145 -12.48 -2.57 -14.01
CA GLY B 145 -12.58 -3.90 -14.63
C GLY B 145 -13.15 -4.93 -13.69
N THR B 146 -13.68 -5.99 -14.27
CA THR B 146 -14.13 -7.19 -13.54
C THR B 146 -13.54 -8.41 -14.22
N VAL B 147 -13.29 -9.42 -13.41
CA VAL B 147 -12.96 -10.79 -13.86
C VAL B 147 -14.14 -11.67 -13.45
N SER B 148 -14.61 -12.49 -14.39
CA SER B 148 -15.74 -13.44 -14.19
C SER B 148 -15.26 -14.82 -14.65
N VAL B 149 -15.81 -15.87 -14.04
CA VAL B 149 -15.53 -17.27 -14.45
C VAL B 149 -16.88 -17.94 -14.66
N ASP B 150 -17.12 -18.43 -15.90
CA ASP B 150 -18.33 -19.19 -16.29
C ASP B 150 -19.57 -18.39 -15.84
N GLY B 151 -19.57 -17.07 -16.03
CA GLY B 151 -20.75 -16.21 -15.76
C GLY B 151 -20.70 -15.50 -14.41
N ARG B 152 -19.85 -15.96 -13.49
CA ARG B 152 -19.87 -15.47 -12.11
C ARG B 152 -18.76 -14.43 -11.93
N GLU B 153 -19.10 -13.22 -11.52
CA GLU B 153 -18.09 -12.17 -11.21
C GLU B 153 -17.29 -12.62 -10.00
N ILE B 154 -15.96 -12.59 -10.07
CA ILE B 154 -15.11 -12.98 -8.91
C ILE B 154 -14.12 -11.88 -8.49
N TYR B 155 -13.62 -11.02 -9.40
CA TYR B 155 -12.70 -9.92 -9.02
C TYR B 155 -13.25 -8.59 -9.54
N SER B 156 -12.92 -7.51 -8.84
CA SER B 156 -13.18 -6.13 -9.31
C SER B 156 -11.92 -5.32 -9.07
N ALA B 157 -11.66 -4.39 -9.98
CA ALA B 157 -10.59 -3.39 -9.81
C ALA B 157 -11.16 -2.02 -10.21
N GLU B 158 -10.94 -1.02 -9.38
CA GLU B 158 -11.32 0.39 -9.65
C GLU B 158 -10.04 1.16 -9.90
N GLY B 159 -10.02 2.00 -10.92
CA GLY B 159 -8.90 2.94 -11.18
C GLY B 159 -7.65 2.17 -11.57
N LEU B 160 -7.77 1.12 -12.37
CA LEU B 160 -6.58 0.57 -13.09
C LEU B 160 -5.93 1.73 -13.86
N ARG B 161 -4.61 1.86 -13.74
CA ARG B 161 -3.85 2.93 -14.40
C ARG B 161 -2.72 2.29 -15.19
N VAL B 162 -2.64 2.61 -16.47
CA VAL B 162 -1.56 2.12 -17.38
C VAL B 162 -1.07 3.30 -18.19
N GLY B 163 0.24 3.39 -18.42
CA GLY B 163 0.84 4.41 -19.29
C GLY B 163 1.63 3.82 -20.44
N LEU B 164 1.80 4.60 -21.51
CA LEU B 164 2.73 4.28 -22.62
C LEU B 164 3.92 5.25 -22.55
N PHE B 165 5.13 4.75 -22.78
CA PHE B 165 6.42 5.44 -22.59
C PHE B 165 7.27 5.25 -23.84
N THR B 166 7.70 6.33 -24.47
CA THR B 166 8.63 6.28 -25.65
C THR B 166 10.04 6.02 -25.12
N SER B 167 10.29 6.28 -23.84
CA SER B 167 11.53 5.91 -23.10
C SER B 167 11.15 5.33 -21.73
N THR B 168 11.71 4.16 -21.36
CA THR B 168 11.54 3.53 -20.01
C THR B 168 12.86 3.54 -19.23
N ASP B 169 13.83 4.37 -19.63
CA ASP B 169 15.13 4.60 -18.93
C ASP B 169 14.91 5.27 -17.56
N SER B 170 13.87 6.08 -17.38
CA SER B 170 13.61 6.86 -16.15
C SER B 170 12.90 5.98 -15.10
N PHE B 171 12.28 4.86 -15.51
CA PHE B 171 11.69 3.84 -14.60
C PHE B 171 12.80 3.10 -13.83
N LYS C 3 8.53 -18.84 16.46
CA LYS C 3 9.86 -19.28 17.01
C LYS C 3 10.97 -18.86 16.03
N GLN C 4 11.01 -19.41 14.82
CA GLN C 4 12.03 -19.15 13.77
C GLN C 4 11.74 -17.77 13.13
N HIS C 5 12.73 -16.89 12.97
CA HIS C 5 12.54 -15.48 12.52
C HIS C 5 13.16 -15.28 11.13
N ALA C 6 13.67 -16.34 10.52
CA ALA C 6 14.27 -16.29 9.16
C ALA C 6 14.04 -17.63 8.48
N PHE C 7 13.90 -17.62 7.16
CA PHE C 7 13.58 -18.82 6.36
C PHE C 7 14.44 -18.80 5.10
N THR C 8 15.09 -19.93 4.81
CA THR C 8 15.92 -20.16 3.59
C THR C 8 15.01 -20.53 2.45
N ARG C 9 15.53 -20.52 1.22
CA ARG C 9 14.77 -20.95 0.03
C ARG C 9 14.22 -22.36 0.27
N GLU C 10 15.03 -23.26 0.83
CA GLU C 10 14.61 -24.66 1.06
C GLU C 10 13.44 -24.69 2.06
N ASP C 11 13.42 -23.83 3.07
CA ASP C 11 12.26 -23.73 4.00
C ASP C 11 11.00 -23.30 3.22
N LEU C 12 11.15 -22.36 2.29
CA LEU C 12 9.99 -21.82 1.54
C LEU C 12 9.49 -22.93 0.59
N LEU C 13 10.40 -23.72 0.00
CA LEU C 13 9.99 -24.86 -0.85
C LEU C 13 9.23 -25.88 0.01
N ARG C 14 9.71 -26.19 1.21
CA ARG C 14 9.01 -27.10 2.15
C ARG C 14 7.62 -26.51 2.46
N CYS C 15 7.54 -25.20 2.66
CA CYS C 15 6.26 -24.48 2.85
C CYS C 15 5.34 -24.72 1.64
N SER C 16 5.87 -24.66 0.42
CA SER C 16 5.07 -24.84 -0.83
C SER C 16 4.50 -26.26 -0.92
N ARG C 17 5.19 -27.23 -0.31
CA ARG C 17 4.76 -28.67 -0.29
C ARG C 17 3.74 -28.92 0.82
N GLY C 18 3.49 -27.96 1.72
CA GLY C 18 2.56 -28.13 2.86
C GLY C 18 3.28 -28.67 4.09
N GLU C 19 4.60 -28.80 4.03
CA GLU C 19 5.40 -29.48 5.08
C GLU C 19 5.97 -28.48 6.09
N LEU C 20 5.74 -27.16 5.95
CA LEU C 20 6.19 -26.22 7.00
C LEU C 20 5.07 -26.04 8.02
N PHE C 21 3.87 -25.68 7.59
CA PHE C 21 2.76 -25.40 8.54
C PHE C 21 1.84 -26.62 8.64
N GLY C 22 2.01 -27.62 7.78
CA GLY C 22 1.28 -28.90 7.85
C GLY C 22 0.03 -28.92 6.99
N PRO C 23 -0.59 -30.11 6.83
CA PRO C 23 -1.72 -30.26 5.92
C PRO C 23 -2.92 -29.38 6.34
N GLY C 24 -3.59 -28.79 5.37
CA GLY C 24 -4.74 -27.88 5.58
C GLY C 24 -4.30 -26.46 5.88
N ASN C 25 -2.99 -26.20 6.02
CA ASN C 25 -2.49 -24.89 6.50
C ASN C 25 -1.78 -24.16 5.34
N ALA C 26 -1.32 -22.94 5.59
CA ALA C 26 -0.92 -21.96 4.56
C ALA C 26 0.21 -22.58 3.74
N GLN C 27 0.20 -22.33 2.45
CA GLN C 27 1.28 -22.71 1.50
C GLN C 27 1.72 -21.49 0.73
N LEU C 28 3.02 -21.43 0.45
CA LEU C 28 3.56 -20.56 -0.61
C LEU C 28 3.40 -21.29 -1.94
N PRO C 29 3.47 -20.56 -3.08
CA PRO C 29 3.51 -21.20 -4.37
C PRO C 29 4.87 -21.92 -4.52
N ALA C 30 4.91 -22.94 -5.36
CA ALA C 30 6.18 -23.54 -5.86
C ALA C 30 6.64 -22.73 -7.07
N PRO C 31 7.90 -22.89 -7.53
CA PRO C 31 8.28 -22.35 -8.84
C PRO C 31 7.34 -22.90 -9.90
N ASN C 32 6.94 -22.09 -10.88
CA ASN C 32 7.51 -20.80 -11.22
C ASN C 32 6.64 -19.63 -10.75
N MET C 33 5.67 -19.84 -9.85
CA MET C 33 4.87 -18.72 -9.26
C MET C 33 5.56 -18.17 -7.98
N LEU C 34 6.55 -18.87 -7.41
CA LEU C 34 7.24 -18.40 -6.19
C LEU C 34 8.12 -17.19 -6.57
N MET C 35 7.91 -16.06 -5.88
CA MET C 35 8.58 -14.78 -6.18
C MET C 35 9.39 -14.32 -4.98
N ILE C 36 9.76 -15.28 -4.13
CA ILE C 36 10.56 -15.06 -2.90
C ILE C 36 11.66 -16.14 -2.83
N ASP C 37 12.89 -15.73 -2.53
CA ASP C 37 14.04 -16.65 -2.27
C ASP C 37 14.22 -16.85 -0.77
N ARG C 38 14.09 -15.78 0.02
CA ARG C 38 14.37 -15.88 1.47
C ARG C 38 13.48 -14.89 2.24
N ILE C 39 13.08 -15.29 3.43
CA ILE C 39 12.52 -14.36 4.44
C ILE C 39 13.66 -14.09 5.43
N VAL C 40 14.20 -12.88 5.36
CA VAL C 40 15.39 -12.42 6.14
C VAL C 40 14.92 -12.13 7.57
N HIS C 41 13.68 -11.65 7.74
CA HIS C 41 13.18 -11.27 9.08
C HIS C 41 11.64 -11.35 9.09
N ILE C 42 11.09 -11.97 10.13
CA ILE C 42 9.63 -11.95 10.43
C ILE C 42 9.48 -11.86 11.94
N SER C 43 8.55 -11.03 12.40
CA SER C 43 8.27 -10.74 13.83
C SER C 43 6.79 -10.39 13.98
N ASP C 44 6.19 -10.70 15.15
CA ASP C 44 4.78 -10.34 15.44
C ASP C 44 4.75 -9.06 16.28
N VAL C 45 5.90 -8.46 16.60
CA VAL C 45 5.97 -7.15 17.32
C VAL C 45 6.80 -6.19 16.47
N GLY C 46 6.77 -4.90 16.83
CA GLY C 46 7.49 -3.85 16.08
C GLY C 46 6.81 -3.59 14.75
N GLY C 47 7.58 -3.17 13.74
CA GLY C 47 7.05 -2.72 12.46
C GLY C 47 6.36 -1.37 12.63
N LYS C 48 5.91 -0.81 11.53
CA LYS C 48 5.38 0.56 11.43
C LYS C 48 4.16 0.73 12.34
N TYR C 49 3.40 -0.34 12.59
CA TYR C 49 2.14 -0.22 13.38
C TYR C 49 2.25 -0.99 14.69
N GLY C 50 3.42 -1.55 15.03
CA GLY C 50 3.58 -2.34 16.26
C GLY C 50 2.89 -3.70 16.19
N LYS C 51 2.49 -4.17 15.00
CA LYS C 51 1.73 -5.44 14.84
C LYS C 51 2.57 -6.43 14.02
N GLY C 52 3.87 -6.15 13.86
CA GLY C 52 4.79 -7.07 13.16
C GLY C 52 5.28 -6.54 11.82
N GLU C 53 6.21 -7.30 11.24
CA GLU C 53 6.99 -6.92 10.05
C GLU C 53 7.51 -8.19 9.37
N LEU C 54 7.60 -8.19 8.03
CA LEU C 54 8.38 -9.18 7.27
C LEU C 54 9.31 -8.44 6.32
N VAL C 55 10.50 -9.01 6.15
CA VAL C 55 11.48 -8.56 5.14
C VAL C 55 11.87 -9.82 4.38
N ALA C 56 11.78 -9.76 3.06
CA ALA C 56 12.02 -10.91 2.19
C ALA C 56 12.77 -10.41 0.96
N GLU C 57 13.41 -11.33 0.25
CA GLU C 57 14.30 -11.00 -0.88
C GLU C 57 14.09 -12.00 -2.02
N LEU C 58 14.23 -11.49 -3.23
CA LEU C 58 14.25 -12.27 -4.48
C LEU C 58 15.50 -11.85 -5.25
N ASP C 59 16.38 -12.82 -5.50
CA ASP C 59 17.61 -12.62 -6.34
C ASP C 59 17.16 -12.47 -7.78
N ILE C 60 17.73 -11.50 -8.49
CA ILE C 60 17.42 -11.27 -9.93
C ILE C 60 18.61 -11.75 -10.78
N ASN C 61 18.33 -12.47 -11.86
CA ASN C 61 19.32 -12.75 -12.91
C ASN C 61 18.58 -12.67 -14.24
N PRO C 62 19.32 -12.48 -15.36
CA PRO C 62 18.68 -12.29 -16.66
C PRO C 62 17.86 -13.48 -17.18
N ASP C 63 18.03 -14.67 -16.62
CA ASP C 63 17.43 -15.93 -17.12
C ASP C 63 16.11 -16.23 -16.44
N LEU C 64 15.66 -15.42 -15.47
CA LEU C 64 14.33 -15.68 -14.85
C LEU C 64 13.27 -15.66 -15.95
N TRP C 65 12.36 -16.63 -15.91
CA TRP C 65 11.48 -17.01 -17.04
C TRP C 65 10.69 -15.80 -17.55
N PHE C 66 10.25 -14.92 -16.66
CA PHE C 66 9.27 -13.86 -17.00
C PHE C 66 9.94 -12.79 -17.88
N PHE C 67 11.27 -12.67 -17.84
CA PHE C 67 12.00 -11.66 -18.65
C PHE C 67 11.86 -11.98 -20.14
N ALA C 68 11.86 -13.24 -20.53
CA ALA C 68 11.83 -13.64 -21.97
C ALA C 68 10.46 -13.30 -22.59
N CYS C 69 9.37 -13.44 -21.83
CA CYS C 69 8.00 -13.32 -22.39
C CYS C 69 7.35 -11.98 -21.98
N HIS C 70 8.01 -11.15 -21.16
CA HIS C 70 7.38 -9.92 -20.60
C HIS C 70 8.42 -8.82 -20.56
N PHE C 71 8.61 -8.07 -21.66
CA PHE C 71 8.08 -8.32 -22.98
C PHE C 71 9.24 -8.70 -23.92
N GLU C 72 8.94 -9.32 -25.05
CA GLU C 72 9.96 -9.59 -26.11
C GLU C 72 10.64 -8.28 -26.51
N GLY C 73 11.96 -8.22 -26.35
CA GLY C 73 12.77 -7.02 -26.68
C GLY C 73 12.63 -5.93 -25.65
N ASP C 74 11.87 -6.14 -24.56
CA ASP C 74 11.68 -5.11 -23.51
C ASP C 74 11.45 -5.83 -22.19
N PRO C 75 12.48 -6.54 -21.69
CA PRO C 75 12.34 -7.38 -20.50
C PRO C 75 12.09 -6.51 -19.26
N VAL C 76 11.08 -6.87 -18.47
CA VAL C 76 10.79 -6.17 -17.20
C VAL C 76 9.99 -7.11 -16.31
N MET C 77 10.35 -7.20 -15.03
CA MET C 77 9.60 -8.10 -14.12
C MET C 77 8.15 -7.61 -14.07
N PRO C 78 7.16 -8.50 -14.26
CA PRO C 78 5.76 -8.11 -14.09
C PRO C 78 5.50 -7.53 -12.69
N GLY C 79 4.90 -6.35 -12.65
CA GLY C 79 4.48 -5.68 -11.41
C GLY C 79 3.54 -6.59 -10.63
N CYS C 80 2.65 -7.31 -11.34
CA CYS C 80 1.65 -8.20 -10.72
C CYS C 80 2.35 -9.25 -9.87
N LEU C 81 3.56 -9.69 -10.26
CA LEU C 81 4.28 -10.76 -9.52
C LEU C 81 4.94 -10.19 -8.26
N GLY C 82 5.39 -8.94 -8.31
CA GLY C 82 5.92 -8.27 -7.09
C GLY C 82 4.81 -8.04 -6.08
N LEU C 83 3.65 -7.60 -6.58
CA LEU C 83 2.43 -7.43 -5.75
C LEU C 83 2.07 -8.79 -5.17
N ASP C 84 2.10 -9.83 -6.00
CA ASP C 84 1.75 -11.19 -5.54
C ASP C 84 2.65 -11.61 -4.40
N ALA C 85 3.94 -11.35 -4.49
CA ALA C 85 4.89 -11.73 -3.42
C ALA C 85 4.40 -11.13 -2.09
N MET C 86 3.91 -9.90 -2.13
CA MET C 86 3.46 -9.21 -0.90
C MET C 86 2.22 -9.92 -0.34
N TRP C 87 1.25 -10.28 -1.18
CA TRP C 87 0.08 -11.08 -0.72
C TRP C 87 0.56 -12.40 -0.11
N GLN C 88 1.49 -13.08 -0.78
CA GLN C 88 1.94 -14.43 -0.34
C GLN C 88 2.59 -14.28 1.04
N LEU C 89 3.34 -13.19 1.27
CA LEU C 89 4.05 -12.98 2.56
C LEU C 89 3.03 -12.71 3.67
N VAL C 90 1.94 -12.01 3.38
CA VAL C 90 0.91 -11.77 4.43
C VAL C 90 0.24 -13.11 4.78
N GLY C 91 0.01 -13.96 3.79
CA GLY C 91 -0.49 -15.32 4.02
C GLY C 91 0.47 -16.12 4.88
N PHE C 92 1.76 -16.08 4.55
CA PHE C 92 2.83 -16.75 5.32
C PHE C 92 2.79 -16.26 6.78
N TYR C 93 2.65 -14.97 6.98
CA TYR C 93 2.54 -14.34 8.32
C TYR C 93 1.42 -15.00 9.12
N LEU C 94 0.22 -15.10 8.55
CA LEU C 94 -0.94 -15.70 9.26
C LEU C 94 -0.63 -17.16 9.65
N GLY C 95 -0.03 -17.92 8.74
CA GLY C 95 0.35 -19.32 9.00
C GLY C 95 1.42 -19.41 10.09
N TRP C 96 2.39 -18.51 10.05
CA TRP C 96 3.52 -18.47 11.00
C TRP C 96 2.99 -18.15 12.41
N GLN C 97 1.92 -17.36 12.52
CA GLN C 97 1.31 -17.07 13.85
C GLN C 97 0.64 -18.33 14.42
N GLY C 98 0.45 -19.39 13.64
CA GLY C 98 -0.14 -20.65 14.09
C GLY C 98 -1.63 -20.73 13.78
N ASN C 99 -2.17 -19.86 12.93
CA ASN C 99 -3.57 -20.00 12.46
C ASN C 99 -3.67 -21.18 11.50
N PRO C 100 -4.81 -21.89 11.51
CA PRO C 100 -5.08 -22.96 10.54
C PRO C 100 -5.71 -22.39 9.26
N GLY C 101 -5.67 -23.16 8.18
CA GLY C 101 -6.38 -22.88 6.93
C GLY C 101 -5.51 -22.46 5.77
N ARG C 102 -6.11 -22.48 4.59
CA ARG C 102 -5.43 -22.20 3.31
C ARG C 102 -5.60 -20.72 2.99
N GLY C 103 -4.58 -20.14 2.36
CA GLY C 103 -4.55 -18.70 2.03
C GLY C 103 -5.38 -18.37 0.80
N ARG C 104 -6.07 -17.23 0.84
CA ARG C 104 -6.64 -16.54 -0.36
C ARG C 104 -6.38 -15.04 -0.21
N ALA C 105 -5.91 -14.40 -1.26
CA ALA C 105 -5.81 -12.92 -1.31
C ALA C 105 -7.23 -12.36 -1.46
N LEU C 106 -7.55 -11.29 -0.77
CA LEU C 106 -8.90 -10.66 -0.77
C LEU C 106 -8.87 -9.31 -1.47
N GLY C 107 -7.67 -8.77 -1.72
CA GLY C 107 -7.47 -7.56 -2.51
C GLY C 107 -6.51 -6.57 -1.87
N SER C 108 -6.63 -5.31 -2.24
CA SER C 108 -5.77 -4.22 -1.76
C SER C 108 -6.48 -2.89 -1.92
N GLY C 109 -6.13 -1.93 -1.06
CA GLY C 109 -6.38 -0.53 -1.34
C GLY C 109 -5.38 -0.11 -2.41
N GLU C 110 -4.90 1.10 -2.37
CA GLU C 110 -4.18 1.68 -3.50
C GLU C 110 -2.86 0.92 -3.75
N VAL C 111 -2.62 0.54 -5.00
CA VAL C 111 -1.29 0.04 -5.47
C VAL C 111 -0.67 1.08 -6.40
N LYS C 112 0.61 1.38 -6.21
CA LYS C 112 1.37 2.31 -7.08
C LYS C 112 2.65 1.62 -7.53
N PHE C 113 2.86 1.64 -8.85
CA PHE C 113 4.12 1.21 -9.49
C PHE C 113 4.81 2.46 -10.02
N PHE C 114 6.00 2.77 -9.52
CA PHE C 114 6.72 4.00 -9.92
C PHE C 114 8.18 3.63 -10.18
N GLY C 115 8.44 2.40 -10.55
CA GLY C 115 9.77 1.96 -11.01
C GLY C 115 9.69 0.54 -11.50
N GLN C 116 10.81 -0.06 -11.85
CA GLN C 116 10.76 -1.39 -12.53
C GLN C 116 12.00 -2.19 -12.16
N VAL C 117 11.91 -3.48 -12.39
CA VAL C 117 13.01 -4.45 -12.14
C VAL C 117 13.48 -4.91 -13.52
N LEU C 118 14.70 -4.53 -13.91
CA LEU C 118 15.30 -4.95 -15.20
C LEU C 118 16.12 -6.22 -14.99
N PRO C 119 16.43 -6.97 -16.05
CA PRO C 119 17.25 -8.19 -15.93
C PRO C 119 18.68 -7.95 -15.42
N THR C 120 19.13 -6.70 -15.40
CA THR C 120 20.47 -6.29 -14.86
C THR C 120 20.41 -6.01 -13.36
N ALA C 121 19.23 -6.02 -12.72
CA ALA C 121 19.11 -5.75 -11.27
C ALA C 121 19.70 -6.95 -10.51
N LYS C 122 20.05 -6.79 -9.24
CA LYS C 122 20.65 -7.85 -8.41
C LYS C 122 19.62 -8.42 -7.44
N LYS C 123 18.83 -7.58 -6.77
CA LYS C 123 17.99 -8.08 -5.67
C LYS C 123 16.73 -7.22 -5.50
N VAL C 124 15.59 -7.89 -5.39
CA VAL C 124 14.31 -7.28 -5.00
C VAL C 124 14.10 -7.55 -3.51
N THR C 125 13.70 -6.51 -2.77
CA THR C 125 13.38 -6.62 -1.34
C THR C 125 11.91 -6.22 -1.10
N TYR C 126 11.21 -7.06 -0.35
CA TYR C 126 9.82 -6.84 0.12
C TYR C 126 9.84 -6.44 1.59
N ASN C 127 9.21 -5.32 1.90
CA ASN C 127 8.95 -4.89 3.29
C ASN C 127 7.43 -4.90 3.50
N ILE C 128 6.98 -5.68 4.48
CA ILE C 128 5.55 -5.82 4.84
C ILE C 128 5.37 -5.33 6.26
N HIS C 129 4.47 -4.38 6.46
CA HIS C 129 4.08 -3.85 7.79
C HIS C 129 2.65 -4.31 8.09
N ILE C 130 2.51 -5.22 9.06
CA ILE C 130 1.18 -5.72 9.47
C ILE C 130 0.45 -4.56 10.16
N LYS C 131 -0.76 -4.26 9.69
CA LYS C 131 -1.57 -3.15 10.22
C LYS C 131 -2.61 -3.68 11.21
N ARG C 132 -3.28 -4.78 10.88
CA ARG C 132 -4.27 -5.42 11.78
C ARG C 132 -4.39 -6.90 11.43
N THR C 133 -4.61 -7.76 12.42
CA THR C 133 -5.05 -9.18 12.22
C THR C 133 -6.36 -9.38 13.00
N ILE C 134 -7.31 -10.10 12.41
CA ILE C 134 -8.62 -10.48 13.00
C ILE C 134 -8.67 -12.00 13.12
N ASN C 135 -9.12 -12.51 14.27
CA ASN C 135 -9.51 -13.91 14.57
C ASN C 135 -10.99 -13.86 14.99
N LEU C 138 -13.38 -15.73 11.23
CA LEU C 138 -12.63 -15.31 10.02
C LEU C 138 -11.21 -14.93 10.43
N VAL C 139 -10.18 -15.53 9.82
CA VAL C 139 -8.77 -15.19 10.10
C VAL C 139 -8.31 -14.31 8.93
N LEU C 140 -7.95 -13.06 9.18
CA LEU C 140 -7.45 -12.20 8.09
C LEU C 140 -6.48 -11.15 8.60
N ALA C 141 -5.64 -10.68 7.70
CA ALA C 141 -4.61 -9.67 7.97
C ALA C 141 -4.76 -8.55 6.94
N ILE C 142 -4.51 -7.34 7.40
CA ILE C 142 -4.40 -6.12 6.58
C ILE C 142 -2.97 -5.59 6.77
N ALA C 143 -2.32 -5.18 5.70
CA ALA C 143 -0.88 -4.80 5.75
C ALA C 143 -0.60 -3.77 4.68
N ASP C 144 0.44 -2.96 4.92
CA ASP C 144 1.02 -2.11 3.88
C ASP C 144 2.34 -2.76 3.46
N GLY C 145 2.76 -2.55 2.23
CA GLY C 145 3.97 -3.15 1.71
C GLY C 145 4.67 -2.27 0.72
N THR C 146 5.99 -2.49 0.58
CA THR C 146 6.79 -1.84 -0.46
C THR C 146 7.63 -2.93 -1.14
N VAL C 147 7.88 -2.68 -2.42
CA VAL C 147 8.86 -3.45 -3.22
C VAL C 147 9.98 -2.45 -3.56
N SER C 148 11.21 -2.89 -3.37
CA SER C 148 12.44 -2.12 -3.67
C SER C 148 13.34 -2.98 -4.56
N VAL C 149 14.14 -2.33 -5.39
CA VAL C 149 15.15 -3.04 -6.22
C VAL C 149 16.49 -2.32 -5.97
N ASP C 150 17.49 -3.07 -5.49
CA ASP C 150 18.87 -2.56 -5.26
C ASP C 150 18.80 -1.25 -4.46
N GLY C 151 17.95 -1.20 -3.42
CA GLY C 151 17.84 -0.08 -2.47
C GLY C 151 16.74 0.92 -2.83
N ARG C 152 16.25 0.92 -4.06
CA ARG C 152 15.30 1.94 -4.53
C ARG C 152 13.85 1.42 -4.39
N GLU C 153 13.01 2.13 -3.64
CA GLU C 153 11.57 1.80 -3.53
C GLU C 153 10.92 2.00 -4.89
N ILE C 154 10.19 1.01 -5.40
CA ILE C 154 9.54 1.11 -6.74
C ILE C 154 8.02 0.87 -6.68
N TYR C 155 7.51 0.05 -5.77
CA TYR C 155 6.05 -0.17 -5.62
C TYR C 155 5.64 0.10 -4.17
N SER C 156 4.40 0.52 -4.01
CA SER C 156 3.74 0.62 -2.70
C SER C 156 2.34 0.00 -2.82
N ALA C 157 1.90 -0.67 -1.77
CA ALA C 157 0.53 -1.20 -1.65
C ALA C 157 0.02 -0.86 -0.25
N GLU C 158 -1.14 -0.25 -0.17
CA GLU C 158 -1.85 0.07 1.08
C GLU C 158 -3.03 -0.88 1.20
N GLY C 159 -3.24 -1.44 2.38
CA GLY C 159 -4.41 -2.27 2.67
C GLY C 159 -4.38 -3.57 1.88
N LEU C 160 -3.23 -4.20 1.70
CA LEU C 160 -3.19 -5.62 1.28
C LEU C 160 -4.06 -6.42 2.27
N ARG C 161 -4.95 -7.27 1.76
CA ARG C 161 -5.86 -8.08 2.59
C ARG C 161 -5.73 -9.53 2.18
N VAL C 162 -5.45 -10.40 3.15
CA VAL C 162 -5.29 -11.86 2.94
C VAL C 162 -6.04 -12.59 4.05
N GLY C 163 -6.74 -13.66 3.69
CA GLY C 163 -7.44 -14.52 4.66
C GLY C 163 -6.89 -15.94 4.67
N LEU C 164 -7.05 -16.64 5.80
CA LEU C 164 -6.93 -18.12 5.88
C LEU C 164 -8.33 -18.72 6.05
N PHE C 165 -8.58 -19.84 5.37
CA PHE C 165 -9.91 -20.49 5.25
C PHE C 165 -9.74 -21.98 5.52
N THR C 166 -10.41 -22.51 6.53
CA THR C 166 -10.40 -23.97 6.84
C THR C 166 -11.31 -24.67 5.83
N SER C 167 -12.24 -23.92 5.22
CA SER C 167 -12.89 -24.28 3.93
C SER C 167 -12.97 -23.04 3.04
N THR C 168 -12.43 -23.08 1.81
CA THR C 168 -12.47 -22.01 0.77
C THR C 168 -13.61 -22.28 -0.25
N ASP C 169 -14.66 -22.92 0.27
CA ASP C 169 -15.82 -23.46 -0.52
C ASP C 169 -16.65 -22.33 -1.13
N SER C 170 -16.71 -21.15 -0.49
CA SER C 170 -17.54 -19.99 -0.92
C SER C 170 -16.86 -19.22 -2.07
N PHE C 171 -15.55 -19.38 -2.27
CA PHE C 171 -14.80 -18.84 -3.45
C PHE C 171 -15.21 -19.57 -4.75
N LYS D 3 20.22 17.86 -14.78
CA LYS D 3 21.06 17.09 -15.74
C LYS D 3 21.68 15.88 -15.02
N GLN D 4 22.52 16.08 -14.00
CA GLN D 4 23.21 14.97 -13.25
C GLN D 4 22.20 14.28 -12.30
N HIS D 5 22.08 12.96 -12.32
CA HIS D 5 21.03 12.19 -11.58
C HIS D 5 21.66 11.38 -10.43
N ALA D 6 22.99 11.46 -10.28
CA ALA D 6 23.74 10.70 -9.27
C ALA D 6 24.93 11.55 -8.81
N PHE D 7 25.30 11.44 -7.54
CA PHE D 7 26.32 12.29 -6.88
C PHE D 7 27.16 11.40 -5.96
N THR D 8 28.48 11.51 -6.08
CA THR D 8 29.49 10.82 -5.25
C THR D 8 29.69 11.60 -3.96
N ARG D 9 30.41 11.02 -3.00
CA ARG D 9 30.71 11.72 -1.73
C ARG D 9 31.43 13.02 -2.02
N GLU D 10 32.39 13.03 -2.95
CA GLU D 10 33.13 14.26 -3.32
C GLU D 10 32.16 15.32 -3.86
N ASP D 11 31.16 14.94 -4.64
CA ASP D 11 30.14 15.92 -5.12
C ASP D 11 29.37 16.51 -3.91
N LEU D 12 29.04 15.67 -2.93
CA LEU D 12 28.26 16.14 -1.75
C LEU D 12 29.14 17.05 -0.91
N LEU D 13 30.44 16.76 -0.80
CA LEU D 13 31.38 17.68 -0.10
C LEU D 13 31.45 19.02 -0.86
N ARG D 14 31.50 19.00 -2.20
CA ARG D 14 31.49 20.26 -3.00
C ARG D 14 30.18 20.99 -2.69
N CYS D 15 29.07 20.25 -2.62
CA CYS D 15 27.76 20.83 -2.22
C CYS D 15 27.88 21.51 -0.85
N SER D 16 28.55 20.89 0.12
CA SER D 16 28.70 21.42 1.51
C SER D 16 29.50 22.72 1.50
N ARG D 17 30.42 22.91 0.53
CA ARG D 17 31.23 24.15 0.36
C ARG D 17 30.43 25.26 -0.35
N GLY D 18 29.25 24.98 -0.89
CA GLY D 18 28.44 25.97 -1.65
C GLY D 18 28.77 25.93 -3.12
N GLU D 19 29.63 24.99 -3.54
CA GLU D 19 30.25 24.99 -4.89
C GLU D 19 29.51 24.06 -5.84
N LEU D 20 28.44 23.38 -5.42
CA LEU D 20 27.65 22.55 -6.37
C LEU D 20 26.56 23.42 -6.98
N PHE D 21 25.77 24.11 -6.17
CA PHE D 21 24.64 24.92 -6.64
C PHE D 21 25.06 26.39 -6.70
N GLY D 22 26.23 26.76 -6.16
CA GLY D 22 26.78 28.12 -6.27
C GLY D 22 26.38 29.04 -5.12
N PRO D 23 26.92 30.27 -5.12
CA PRO D 23 26.77 31.17 -3.97
C PRO D 23 25.31 31.50 -3.67
N GLY D 24 24.93 31.47 -2.38
CA GLY D 24 23.58 31.76 -1.89
C GLY D 24 22.63 30.59 -2.03
N ASN D 25 23.08 29.45 -2.57
CA ASN D 25 22.17 28.31 -2.90
C ASN D 25 22.43 27.14 -1.91
N ALA D 26 21.65 26.08 -2.05
CA ALA D 26 21.47 25.06 -1.02
C ALA D 26 22.82 24.42 -0.71
N GLN D 27 23.04 24.11 0.57
CA GLN D 27 24.22 23.36 1.04
C GLN D 27 23.76 22.14 1.83
N LEU D 28 24.49 21.05 1.67
CA LEU D 28 24.51 19.95 2.64
C LEU D 28 25.48 20.32 3.76
N PRO D 29 25.35 19.67 4.93
CA PRO D 29 26.34 19.83 5.98
C PRO D 29 27.66 19.20 5.53
N ALA D 30 28.77 19.65 6.09
CA ALA D 30 30.06 18.93 6.02
C ALA D 30 30.10 17.91 7.16
N PRO D 31 31.05 16.95 7.15
CA PRO D 31 31.34 16.15 8.34
C PRO D 31 31.62 17.06 9.53
N ASN D 32 31.12 16.74 10.73
CA ASN D 32 30.56 15.47 11.10
C ASN D 32 29.02 15.46 11.16
N MET D 33 28.34 16.43 10.57
CA MET D 33 26.84 16.43 10.49
C MET D 33 26.36 15.81 9.17
N LEU D 34 27.23 15.56 8.20
CA LEU D 34 26.81 14.95 6.91
C LEU D 34 26.49 13.47 7.16
N MET D 35 25.28 13.04 6.80
CA MET D 35 24.77 11.65 7.09
C MET D 35 24.42 10.96 5.78
N ILE D 36 25.06 11.41 4.70
CA ILE D 36 24.91 10.87 3.33
C ILE D 36 26.30 10.71 2.72
N ASP D 37 26.57 9.56 2.10
CA ASP D 37 27.80 9.28 1.30
C ASP D 37 27.51 9.50 -0.18
N ARG D 38 26.34 9.09 -0.69
CA ARG D 38 26.05 9.17 -2.13
C ARG D 38 24.55 9.36 -2.36
N ILE D 39 24.22 10.10 -3.40
CA ILE D 39 22.87 10.14 -4.01
C ILE D 39 22.92 9.28 -5.24
N VAL D 40 22.29 8.12 -5.15
CA VAL D 40 22.29 7.05 -6.19
C VAL D 40 21.31 7.46 -7.29
N HIS D 41 20.25 8.17 -6.95
CA HIS D 41 19.20 8.54 -7.94
C HIS D 41 18.46 9.78 -7.44
N ILE D 42 18.26 10.75 -8.33
CA ILE D 42 17.37 11.91 -8.11
C ILE D 42 16.70 12.22 -9.45
N SER D 43 15.41 12.51 -9.39
CA SER D 43 14.56 12.82 -10.56
C SER D 43 13.44 13.76 -10.11
N ASP D 44 12.96 14.63 -11.01
CA ASP D 44 11.81 15.54 -10.74
C ASP D 44 10.52 14.90 -11.28
N VAL D 45 10.56 13.72 -11.86
CA VAL D 45 9.34 12.97 -12.31
C VAL D 45 9.35 11.59 -11.66
N GLY D 46 8.22 10.88 -11.77
CA GLY D 46 8.05 9.56 -11.14
C GLY D 46 7.95 9.70 -9.64
N GLY D 47 8.40 8.68 -8.90
CA GLY D 47 8.19 8.62 -7.44
C GLY D 47 6.71 8.35 -7.16
N LYS D 48 6.41 8.18 -5.89
CA LYS D 48 5.10 7.72 -5.36
C LYS D 48 4.02 8.73 -5.79
N TYR D 49 4.35 10.02 -5.93
CA TYR D 49 3.35 11.07 -6.20
C TYR D 49 3.55 11.68 -7.59
N GLY D 50 4.47 11.16 -8.40
CA GLY D 50 4.75 11.72 -9.74
C GLY D 50 5.46 13.08 -9.69
N LYS D 51 6.01 13.48 -8.55
CA LYS D 51 6.65 14.79 -8.32
C LYS D 51 8.12 14.57 -7.99
N GLY D 52 8.66 13.38 -8.23
CA GLY D 52 10.10 13.10 -8.08
C GLY D 52 10.44 12.19 -6.90
N GLU D 53 11.71 11.80 -6.86
CA GLU D 53 12.25 10.75 -5.96
C GLU D 53 13.74 11.02 -5.72
N LEU D 54 14.23 10.76 -4.50
CA LEU D 54 15.70 10.62 -4.25
C LEU D 54 15.95 9.30 -3.55
N VAL D 55 17.06 8.68 -3.93
CA VAL D 55 17.61 7.48 -3.26
C VAL D 55 19.04 7.83 -2.90
N ALA D 56 19.37 7.69 -1.63
CA ALA D 56 20.70 8.08 -1.10
C ALA D 56 21.17 6.99 -0.15
N GLU D 57 22.47 6.94 0.11
CA GLU D 57 23.10 5.87 0.90
C GLU D 57 24.12 6.45 1.86
N LEU D 58 24.21 5.83 3.03
CA LEU D 58 25.28 6.06 4.02
C LEU D 58 25.91 4.70 4.34
N ASP D 59 27.20 4.56 4.08
CA ASP D 59 27.97 3.34 4.48
C ASP D 59 28.14 3.37 5.99
N ILE D 60 27.97 2.20 6.62
CA ILE D 60 28.12 2.05 8.09
C ILE D 60 29.42 1.28 8.36
N ASN D 61 30.20 1.74 9.33
CA ASN D 61 31.33 0.97 9.88
C ASN D 61 31.35 1.26 11.37
N PRO D 62 31.99 0.39 12.18
CA PRO D 62 31.98 0.56 13.64
C PRO D 62 32.67 1.83 14.17
N ASP D 63 33.48 2.51 13.35
CA ASP D 63 34.30 3.68 13.79
C ASP D 63 33.57 5.00 13.55
N LEU D 64 32.37 5.00 12.98
CA LEU D 64 31.64 6.28 12.84
C LEU D 64 31.47 6.91 14.22
N TRP D 65 31.70 8.21 14.31
CA TRP D 65 31.90 8.95 15.57
C TRP D 65 30.71 8.74 16.52
N PHE D 66 29.48 8.69 15.99
CA PHE D 66 28.27 8.75 16.84
C PHE D 66 28.10 7.42 17.61
N PHE D 67 28.72 6.33 17.15
CA PHE D 67 28.60 5.02 17.84
C PHE D 67 29.28 5.07 19.21
N ALA D 68 30.39 5.78 19.35
CA ALA D 68 31.18 5.81 20.60
C ALA D 68 30.42 6.59 21.69
N CYS D 69 29.67 7.64 21.34
CA CYS D 69 29.00 8.51 22.35
C CYS D 69 27.49 8.24 22.45
N HIS D 70 26.93 7.38 21.61
CA HIS D 70 25.46 7.17 21.52
C HIS D 70 25.15 5.70 21.33
N PHE D 71 25.07 4.90 22.39
CA PHE D 71 25.45 5.24 23.77
C PHE D 71 26.69 4.40 24.16
N GLU D 72 27.45 4.84 25.17
CA GLU D 72 28.60 4.02 25.68
C GLU D 72 28.11 2.64 26.06
N GLY D 73 28.72 1.61 25.45
CA GLY D 73 28.40 0.19 25.65
C GLY D 73 27.08 -0.21 25.01
N ASP D 74 26.41 0.69 24.27
CA ASP D 74 25.14 0.38 23.59
C ASP D 74 25.08 1.21 22.30
N PRO D 75 25.99 0.96 21.34
CA PRO D 75 26.14 1.82 20.17
C PRO D 75 24.91 1.67 19.26
N VAL D 76 24.35 2.80 18.84
CA VAL D 76 23.20 2.81 17.91
C VAL D 76 23.17 4.16 17.21
N MET D 77 23.01 4.16 15.89
CA MET D 77 22.99 5.45 15.14
C MET D 77 21.81 6.27 15.67
N PRO D 78 22.04 7.54 16.05
CA PRO D 78 20.95 8.42 16.46
C PRO D 78 19.84 8.48 15.39
N GLY D 79 18.61 8.25 15.81
CA GLY D 79 17.42 8.37 14.93
C GLY D 79 17.34 9.77 14.39
N CYS D 80 17.68 10.78 15.21
CA CYS D 80 17.63 12.20 14.82
C CYS D 80 18.49 12.45 13.58
N LEU D 81 19.60 11.73 13.43
CA LEU D 81 20.56 11.94 12.32
C LEU D 81 20.02 11.29 11.03
N GLY D 82 19.29 10.17 11.15
CA GLY D 82 18.64 9.54 9.98
C GLY D 82 17.49 10.42 9.49
N LEU D 83 16.70 10.95 10.42
CA LEU D 83 15.64 11.93 10.12
C LEU D 83 16.28 13.14 9.46
N ASP D 84 17.39 13.63 10.03
CA ASP D 84 18.07 14.81 9.49
C ASP D 84 18.47 14.57 8.03
N ALA D 85 19.02 13.40 7.72
CA ALA D 85 19.45 13.10 6.34
C ALA D 85 18.24 13.31 5.40
N MET D 86 17.05 12.90 5.83
CA MET D 86 15.85 13.04 4.97
C MET D 86 15.53 14.52 4.74
N TRP D 87 15.54 15.36 5.79
CA TRP D 87 15.40 16.83 5.60
C TRP D 87 16.46 17.37 4.65
N GLN D 88 17.72 16.95 4.84
CA GLN D 88 18.86 17.50 4.05
C GLN D 88 18.61 17.15 2.57
N LEU D 89 18.09 15.96 2.29
CA LEU D 89 17.86 15.49 0.91
C LEU D 89 16.72 16.30 0.27
N VAL D 90 15.71 16.69 1.02
CA VAL D 90 14.60 17.50 0.47
C VAL D 90 15.17 18.89 0.13
N GLY D 91 16.04 19.44 0.98
CA GLY D 91 16.74 20.70 0.66
C GLY D 91 17.58 20.57 -0.59
N PHE D 92 18.35 19.48 -0.71
CA PHE D 92 19.18 19.19 -1.89
C PHE D 92 18.29 19.18 -3.15
N TYR D 93 17.12 18.53 -3.06
CA TYR D 93 16.14 18.44 -4.17
C TYR D 93 15.77 19.85 -4.65
N LEU D 94 15.41 20.75 -3.74
CA LEU D 94 14.98 22.11 -4.12
C LEU D 94 16.14 22.85 -4.83
N GLY D 95 17.37 22.69 -4.36
CA GLY D 95 18.55 23.32 -4.97
C GLY D 95 18.82 22.71 -6.33
N TRP D 96 18.65 21.40 -6.45
CA TRP D 96 18.89 20.65 -7.71
C TRP D 96 17.90 21.12 -8.78
N GLN D 97 16.68 21.46 -8.38
CA GLN D 97 15.64 21.98 -9.33
C GLN D 97 16.05 23.36 -9.87
N GLY D 98 17.02 24.04 -9.26
CA GLY D 98 17.48 25.37 -9.71
C GLY D 98 16.81 26.51 -8.94
N ASN D 99 16.17 26.24 -7.80
CA ASN D 99 15.69 27.33 -6.91
C ASN D 99 16.88 27.97 -6.21
N PRO D 100 16.79 29.30 -5.94
CA PRO D 100 17.80 29.99 -5.15
C PRO D 100 17.50 29.88 -3.64
N GLY D 101 18.55 30.06 -2.84
CA GLY D 101 18.42 30.25 -1.38
C GLY D 101 19.02 29.10 -0.59
N ARG D 102 19.18 29.34 0.71
CA ARG D 102 19.81 28.41 1.67
C ARG D 102 18.68 27.64 2.36
N GLY D 103 18.94 26.40 2.74
CA GLY D 103 17.93 25.49 3.31
C GLY D 103 17.68 25.76 4.80
N ARG D 104 16.41 25.61 5.20
CA ARG D 104 16.00 25.43 6.61
C ARG D 104 14.90 24.37 6.67
N ALA D 105 15.01 23.43 7.62
CA ALA D 105 13.95 22.44 7.86
C ALA D 105 12.82 23.18 8.57
N LEU D 106 11.57 22.89 8.23
CA LEU D 106 10.38 23.57 8.82
C LEU D 106 9.58 22.60 9.69
N GLY D 107 9.87 21.31 9.58
CA GLY D 107 9.27 20.28 10.46
C GLY D 107 8.83 19.04 9.71
N SER D 108 7.92 18.29 10.31
CA SER D 108 7.39 17.02 9.78
C SER D 108 6.04 16.73 10.39
N GLY D 109 5.21 15.96 9.68
CA GLY D 109 4.10 15.23 10.28
C GLY D 109 4.69 14.04 11.01
N GLU D 110 4.00 12.94 11.01
CA GLU D 110 4.34 11.82 11.91
C GLU D 110 5.71 11.23 11.53
N VAL D 111 6.55 11.02 12.53
CA VAL D 111 7.82 10.25 12.43
C VAL D 111 7.68 8.99 13.28
N LYS D 112 8.08 7.85 12.73
CA LYS D 112 8.08 6.55 13.43
C LYS D 112 9.46 5.92 13.29
N PHE D 113 10.03 5.52 14.43
CA PHE D 113 11.25 4.69 14.50
C PHE D 113 10.85 3.30 14.98
N PHE D 114 11.11 2.27 14.20
CA PHE D 114 10.66 0.90 14.52
C PHE D 114 11.80 -0.05 14.18
N GLY D 115 13.03 0.44 14.22
CA GLY D 115 14.23 -0.39 14.07
C GLY D 115 15.44 0.48 14.33
N GLN D 116 16.64 -0.08 14.16
CA GLN D 116 17.86 0.64 14.56
C GLN D 116 19.01 0.25 13.64
N VAL D 117 20.02 1.11 13.64
CA VAL D 117 21.27 0.90 12.87
C VAL D 117 22.36 0.58 13.90
N LEU D 118 22.85 -0.65 13.88
CA LEU D 118 23.97 -1.08 14.76
C LEU D 118 25.30 -0.90 14.02
N PRO D 119 26.45 -0.86 14.75
CA PRO D 119 27.76 -0.74 14.13
C PRO D 119 28.14 -1.91 13.22
N THR D 120 27.41 -3.03 13.28
CA THR D 120 27.61 -4.22 12.41
C THR D 120 26.83 -4.09 11.10
N ALA D 121 26.01 -3.06 10.91
CA ALA D 121 25.26 -2.86 9.65
C ALA D 121 26.25 -2.47 8.56
N LYS D 122 25.88 -2.64 7.29
CA LYS D 122 26.71 -2.27 6.13
C LYS D 122 26.24 -0.96 5.52
N LYS D 123 24.93 -0.75 5.36
CA LYS D 123 24.48 0.40 4.53
C LYS D 123 23.08 0.84 4.93
N VAL D 124 22.95 2.14 5.15
CA VAL D 124 21.65 2.83 5.33
C VAL D 124 21.23 3.43 3.99
N THR D 125 19.97 3.20 3.62
CA THR D 125 19.38 3.76 2.39
C THR D 125 18.22 4.69 2.77
N TYR D 126 18.21 5.87 2.17
CA TYR D 126 17.12 6.87 2.26
C TYR D 126 16.31 6.84 0.95
N ASN D 127 14.99 6.71 1.08
CA ASN D 127 14.03 6.87 -0.03
C ASN D 127 13.17 8.07 0.28
N ILE D 128 13.20 9.09 -0.57
CA ILE D 128 12.44 10.34 -0.44
C ILE D 128 11.45 10.41 -1.61
N HIS D 129 10.16 10.55 -1.31
CA HIS D 129 9.11 10.78 -2.31
C HIS D 129 8.59 12.21 -2.16
N ILE D 130 8.89 13.06 -3.16
CA ILE D 130 8.43 14.46 -3.18
C ILE D 130 6.92 14.43 -3.37
N LYS D 131 6.18 15.12 -2.49
CA LYS D 131 4.71 15.14 -2.52
C LYS D 131 4.26 16.45 -3.19
N ARG D 132 4.85 17.59 -2.86
CA ARG D 132 4.51 18.89 -3.49
C ARG D 132 5.68 19.85 -3.33
N THR D 133 5.92 20.72 -4.32
CA THR D 133 6.83 21.88 -4.24
C THR D 133 6.05 23.15 -4.57
N ILE D 134 6.35 24.25 -3.88
CA ILE D 134 5.84 25.64 -4.15
C ILE D 134 7.03 26.50 -4.55
N ASN D 135 6.83 27.33 -5.57
CA ASN D 135 7.70 28.43 -6.06
C ASN D 135 6.88 29.74 -5.95
N LEU D 138 7.59 32.05 -1.58
CA LEU D 138 8.14 30.99 -0.67
C LEU D 138 8.57 29.80 -1.54
N VAL D 139 9.79 29.30 -1.37
CA VAL D 139 10.24 28.04 -2.01
C VAL D 139 10.16 26.95 -0.94
N LEU D 140 9.27 25.96 -1.09
CA LEU D 140 9.25 24.88 -0.09
C LEU D 140 8.78 23.56 -0.73
N ALA D 141 9.19 22.47 -0.10
CA ALA D 141 8.86 21.11 -0.52
C ALA D 141 8.28 20.38 0.67
N ILE D 142 7.34 19.50 0.37
CA ILE D 142 6.73 18.53 1.31
C ILE D 142 7.03 17.15 0.72
N ALA D 143 7.48 16.22 1.56
CA ALA D 143 7.88 14.87 1.10
C ALA D 143 7.59 13.84 2.18
N ASP D 144 7.45 12.60 1.76
CA ASP D 144 7.48 11.44 2.67
C ASP D 144 8.84 10.76 2.48
N GLY D 145 9.32 10.08 3.51
CA GLY D 145 10.61 9.39 3.42
C GLY D 145 10.63 8.14 4.26
N THR D 146 11.53 7.23 3.88
CA THR D 146 11.85 6.04 4.71
C THR D 146 13.36 5.93 4.86
N VAL D 147 13.76 5.39 6.00
CA VAL D 147 15.15 4.95 6.26
C VAL D 147 15.11 3.43 6.35
N SER D 148 16.04 2.78 5.66
CA SER D 148 16.22 1.31 5.62
C SER D 148 17.67 0.99 5.99
N VAL D 149 17.88 -0.16 6.61
CA VAL D 149 19.26 -0.65 6.89
C VAL D 149 19.35 -2.07 6.33
N ASP D 150 20.28 -2.30 5.40
CA ASP D 150 20.57 -3.63 4.81
C ASP D 150 19.25 -4.24 4.31
N GLY D 151 18.37 -3.44 3.68
CA GLY D 151 17.13 -3.94 3.05
C GLY D 151 15.90 -3.73 3.93
N ARG D 152 16.06 -3.54 5.22
CA ARG D 152 14.95 -3.51 6.18
C ARG D 152 14.52 -2.09 6.46
N GLU D 153 13.25 -1.75 6.20
CA GLU D 153 12.70 -0.41 6.55
C GLU D 153 12.68 -0.29 8.06
N ILE D 154 13.22 0.80 8.61
CA ILE D 154 13.25 1.01 10.08
C ILE D 154 12.61 2.33 10.50
N TYR D 155 12.67 3.40 9.69
CA TYR D 155 12.00 4.68 10.03
C TYR D 155 11.06 5.09 8.90
N SER D 156 10.02 5.84 9.25
CA SER D 156 9.15 6.51 8.27
C SER D 156 8.91 7.93 8.75
N ALA D 157 8.79 8.86 7.80
CA ALA D 157 8.42 10.25 8.07
C ALA D 157 7.38 10.67 7.03
N GLU D 158 6.28 11.24 7.47
CA GLU D 158 5.23 11.82 6.59
C GLU D 158 5.31 13.33 6.74
N GLY D 159 5.20 14.05 5.62
CA GLY D 159 5.11 15.51 5.61
C GLY D 159 6.39 16.16 6.08
N LEU D 160 7.57 15.64 5.74
CA LEU D 160 8.83 16.42 5.83
C LEU D 160 8.62 17.75 5.09
N ARG D 161 9.00 18.86 5.70
CA ARG D 161 8.84 20.20 5.12
C ARG D 161 10.17 20.94 5.20
N VAL D 162 10.63 21.45 4.07
CA VAL D 162 11.93 22.15 3.96
C VAL D 162 11.71 23.37 3.05
N GLY D 163 12.30 24.50 3.43
CA GLY D 163 12.25 25.74 2.65
C GLY D 163 13.63 26.20 2.22
N LEU D 164 13.70 26.96 1.12
CA LEU D 164 14.91 27.72 0.72
C LEU D 164 14.65 29.22 0.95
N PHE D 165 15.64 29.93 1.48
CA PHE D 165 15.53 31.34 1.95
C PHE D 165 16.71 32.12 1.40
N THR D 166 16.46 33.22 0.67
CA THR D 166 17.52 34.07 0.10
C THR D 166 18.06 34.99 1.22
N SER D 167 17.31 35.16 2.31
CA SER D 167 17.77 35.79 3.57
C SER D 167 17.30 34.97 4.78
N THR D 168 18.20 34.61 5.71
CA THR D 168 17.89 33.89 6.98
C THR D 168 18.13 34.80 8.19
N ASP D 169 18.24 36.12 8.02
CA ASP D 169 18.64 37.11 9.06
C ASP D 169 17.71 37.12 10.29
N SER D 170 16.43 37.10 10.01
CA SER D 170 15.31 37.28 11.00
C SER D 170 14.54 35.97 11.16
N PHE D 171 15.11 34.85 10.70
CA PHE D 171 14.42 33.52 10.62
C PHE D 171 14.28 32.96 12.04
N MET E 1 14.60 8.11 43.10
CA MET E 1 15.29 9.37 42.71
C MET E 1 14.36 10.60 42.62
N THR E 2 13.06 10.49 42.91
CA THR E 2 12.06 11.51 42.43
C THR E 2 12.06 12.73 43.38
N LYS E 3 12.82 12.65 44.48
CA LYS E 3 13.01 13.78 45.42
C LYS E 3 14.13 14.70 44.89
N GLN E 4 14.98 14.25 43.95
CA GLN E 4 16.02 15.14 43.35
C GLN E 4 15.40 15.82 42.09
N HIS E 5 15.41 17.15 42.04
CA HIS E 5 14.60 17.91 41.05
C HIS E 5 15.52 18.72 40.13
N ALA E 6 16.83 18.55 40.23
CA ALA E 6 17.79 19.29 39.35
C ALA E 6 19.03 18.43 39.15
N PHE E 7 19.64 18.52 37.97
CA PHE E 7 20.85 17.75 37.60
C PHE E 7 21.85 18.69 36.94
N THR E 8 23.10 18.58 37.38
CA THR E 8 24.25 19.38 36.85
C THR E 8 24.79 18.68 35.60
N ARG E 9 25.65 19.36 34.86
CA ARG E 9 26.31 18.73 33.67
C ARG E 9 27.06 17.47 34.11
N GLU E 10 27.70 17.50 35.28
CA GLU E 10 28.47 16.33 35.81
C GLU E 10 27.50 15.16 36.02
N ASP E 11 26.29 15.39 36.54
CA ASP E 11 25.28 14.32 36.68
C ASP E 11 24.93 13.75 35.31
N LEU E 12 24.80 14.60 34.29
CA LEU E 12 24.37 14.14 32.95
C LEU E 12 25.52 13.31 32.35
N LEU E 13 26.77 13.72 32.56
CA LEU E 13 27.94 12.93 32.08
C LEU E 13 27.95 11.55 32.79
N ARG E 14 27.71 11.53 34.09
CA ARG E 14 27.65 10.26 34.88
C ARG E 14 26.51 9.43 34.29
N CYS E 15 25.38 10.05 33.98
CA CYS E 15 24.23 9.37 33.34
C CYS E 15 24.69 8.72 32.02
N SER E 16 25.47 9.44 31.20
CA SER E 16 25.95 8.93 29.88
C SER E 16 26.83 7.68 30.06
N ARG E 17 27.53 7.58 31.20
CA ARG E 17 28.44 6.44 31.51
C ARG E 17 27.67 5.26 32.10
N GLY E 18 26.39 5.40 32.39
CA GLY E 18 25.55 4.33 33.00
C GLY E 18 25.56 4.40 34.51
N GLU E 19 26.20 5.43 35.07
CA GLU E 19 26.52 5.51 36.53
C GLU E 19 25.47 6.32 37.29
N LEU E 20 24.44 6.86 36.64
CA LEU E 20 23.37 7.57 37.39
C LEU E 20 22.26 6.55 37.64
N PHE E 21 21.73 5.89 36.60
CA PHE E 21 20.58 4.98 36.79
C PHE E 21 21.05 3.53 36.94
N GLY E 22 22.32 3.25 36.64
CA GLY E 22 22.94 1.94 36.89
C GLY E 22 22.90 1.03 35.66
N PRO E 23 23.52 -0.16 35.76
CA PRO E 23 23.64 -1.06 34.62
C PRO E 23 22.27 -1.51 34.08
N GLY E 24 22.14 -1.53 32.76
CA GLY E 24 20.91 -1.92 32.03
C GLY E 24 19.91 -0.77 31.96
N ASN E 25 20.18 0.40 32.56
CA ASN E 25 19.18 1.48 32.70
C ASN E 25 19.56 2.66 31.80
N ALA E 26 18.72 3.69 31.79
CA ALA E 26 18.70 4.75 30.76
C ALA E 26 20.07 5.43 30.77
N GLN E 27 20.56 5.78 29.59
CA GLN E 27 21.74 6.62 29.40
C GLN E 27 21.36 7.80 28.53
N LEU E 28 21.93 8.96 28.84
CA LEU E 28 22.07 10.08 27.89
C LEU E 28 23.25 9.79 26.98
N PRO E 29 23.34 10.47 25.83
CA PRO E 29 24.54 10.42 25.01
C PRO E 29 25.67 11.14 25.76
N ALA E 30 26.90 10.76 25.46
CA ALA E 30 28.11 11.53 25.83
C ALA E 30 28.33 12.59 24.75
N PRO E 31 29.21 13.58 25.00
CA PRO E 31 29.67 14.44 23.91
C PRO E 31 30.26 13.58 22.79
N ASN E 32 30.00 13.91 21.51
CA ASN E 32 29.45 15.17 21.07
C ASN E 32 27.97 15.08 20.67
N MET E 33 27.25 14.03 21.05
CA MET E 33 25.78 13.91 20.80
C MET E 33 24.98 14.51 21.97
N LEU E 34 25.58 14.78 23.14
CA LEU E 34 24.84 15.34 24.29
C LEU E 34 24.47 16.81 23.96
N MET E 35 23.18 17.15 24.04
CA MET E 35 22.65 18.49 23.63
C MET E 35 21.97 19.16 24.83
N ILE E 36 22.37 18.75 26.02
CA ILE E 36 21.85 19.31 27.30
C ILE E 36 23.04 19.55 28.24
N ASP E 37 23.08 20.72 28.89
CA ASP E 37 24.08 21.06 29.93
C ASP E 37 23.49 20.83 31.32
N ARG E 38 22.22 21.17 31.55
CA ARG E 38 21.63 21.08 32.90
C ARG E 38 20.14 20.79 32.80
N ILE E 39 19.65 20.02 33.76
CA ILE E 39 18.20 19.90 34.01
C ILE E 39 17.92 20.77 35.23
N VAL E 40 17.28 21.91 34.97
CA VAL E 40 17.00 22.98 35.96
C VAL E 40 15.83 22.52 36.84
N HIS E 41 14.91 21.75 36.28
CA HIS E 41 13.71 21.28 37.00
C HIS E 41 13.17 20.01 36.35
N ILE E 42 12.88 19.01 37.15
CA ILE E 42 12.20 17.76 36.75
C ILE E 42 11.29 17.35 37.91
N SER E 43 10.06 16.99 37.56
CA SER E 43 8.97 16.70 38.53
C SER E 43 8.02 15.71 37.88
N ASP E 44 7.39 14.84 38.68
CA ASP E 44 6.33 13.91 38.22
C ASP E 44 4.93 14.55 38.40
N VAL E 45 4.84 15.80 38.87
CA VAL E 45 3.58 16.59 38.94
C VAL E 45 3.79 17.90 38.18
N GLY E 46 2.70 18.65 37.97
CA GLY E 46 2.72 19.90 37.21
C GLY E 46 2.87 19.61 35.73
N GLY E 47 3.39 20.59 35.02
CA GLY E 47 3.39 20.66 33.54
C GLY E 47 1.99 20.80 32.98
N LYS E 48 1.90 20.95 31.67
CA LYS E 48 0.67 21.26 30.91
C LYS E 48 -0.40 20.18 31.16
N TYR E 49 -0.05 18.94 31.49
CA TYR E 49 -1.07 17.88 31.69
C TYR E 49 -1.19 17.47 33.17
N GLY E 50 -0.41 18.07 34.08
CA GLY E 50 -0.34 17.62 35.48
C GLY E 50 0.35 16.26 35.63
N LYS E 51 1.10 15.77 34.62
CA LYS E 51 1.72 14.42 34.69
C LYS E 51 3.25 14.56 34.67
N GLY E 52 3.76 15.76 34.89
CA GLY E 52 5.21 15.97 35.02
C GLY E 52 5.74 16.93 34.01
N GLU E 53 6.99 17.34 34.19
CA GLU E 53 7.63 18.47 33.50
C GLU E 53 9.16 18.28 33.59
N LEU E 54 9.88 18.65 32.53
CA LEU E 54 11.33 18.94 32.61
C LEU E 54 11.56 20.33 32.02
N VAL E 55 12.47 21.06 32.65
CA VAL E 55 13.09 22.29 32.08
C VAL E 55 14.59 22.04 32.07
N ALA E 56 15.20 22.20 30.90
CA ALA E 56 16.63 21.89 30.68
C ALA E 56 17.23 23.00 29.83
N GLU E 57 18.54 23.15 29.90
CA GLU E 57 19.28 24.24 29.24
C GLU E 57 20.52 23.70 28.53
N LEU E 58 20.84 24.36 27.43
CA LEU E 58 22.12 24.17 26.68
C LEU E 58 22.71 25.56 26.48
N ASP E 59 23.91 25.77 27.01
CA ASP E 59 24.70 27.01 26.79
C ASP E 59 25.19 27.00 25.34
N ILE E 60 25.09 28.14 24.67
CA ILE E 60 25.58 28.30 23.27
C ILE E 60 26.84 29.15 23.28
N ASN E 61 27.85 28.74 22.53
CA ASN E 61 29.02 29.58 22.22
C ASN E 61 29.38 29.29 20.77
N PRO E 62 30.12 30.21 20.11
CA PRO E 62 30.41 30.05 18.68
C PRO E 62 31.28 28.82 18.32
N ASP E 63 31.95 28.20 19.29
CA ASP E 63 32.93 27.11 19.04
C ASP E 63 32.26 25.74 19.13
N LEU E 64 30.97 25.64 19.44
CA LEU E 64 30.30 24.30 19.42
C LEU E 64 30.47 23.70 18.02
N TRP E 65 30.85 22.43 17.97
CA TRP E 65 31.37 21.73 16.78
C TRP E 65 30.38 21.86 15.60
N PHE E 66 29.07 21.82 15.84
CA PHE E 66 28.07 21.68 14.76
C PHE E 66 28.00 23.00 13.97
N PHE E 67 28.43 24.13 14.54
CA PHE E 67 28.38 25.44 13.83
C PHE E 67 29.35 25.44 12.64
N ALA E 68 30.52 24.81 12.75
CA ALA E 68 31.56 24.82 11.69
C ALA E 68 31.09 24.02 10.45
N CYS E 69 30.35 22.91 10.65
CA CYS E 69 30.01 21.99 9.55
C CYS E 69 28.53 22.13 9.13
N HIS E 70 27.75 22.98 9.80
CA HIS E 70 26.28 23.06 9.57
C HIS E 70 25.83 24.51 9.67
N PHE E 71 25.93 25.28 8.57
CA PHE E 71 26.63 24.96 7.34
C PHE E 71 27.87 25.85 7.21
N GLU E 72 28.81 25.47 6.34
CA GLU E 72 29.99 26.31 6.02
C GLU E 72 29.50 27.68 5.52
N GLY E 73 29.92 28.74 6.19
CA GLY E 73 29.54 30.14 5.90
C GLY E 73 28.11 30.46 6.30
N ASP E 74 27.39 29.53 6.94
CA ASP E 74 25.98 29.76 7.36
C ASP E 74 25.72 28.93 8.60
N PRO E 75 26.40 29.26 9.73
CA PRO E 75 26.32 28.44 10.94
C PRO E 75 24.90 28.53 11.55
N VAL E 76 24.33 27.37 11.87
CA VAL E 76 23.01 27.29 12.54
C VAL E 76 22.92 25.94 13.25
N MET E 77 22.47 25.93 14.50
CA MET E 77 22.34 24.66 15.22
C MET E 77 21.37 23.77 14.46
N PRO E 78 21.74 22.51 14.17
CA PRO E 78 20.80 21.57 13.54
C PRO E 78 19.51 21.43 14.36
N GLY E 79 18.37 21.64 13.70
CA GLY E 79 17.05 21.42 14.33
C GLY E 79 16.93 19.98 14.82
N CYS E 80 17.48 19.01 14.09
CA CYS E 80 17.45 17.58 14.48
C CYS E 80 18.06 17.39 15.87
N LEU E 81 19.04 18.19 16.26
CA LEU E 81 19.76 18.02 17.56
C LEU E 81 18.91 18.62 18.68
N GLY E 82 18.17 19.70 18.41
CA GLY E 82 17.24 20.27 19.40
C GLY E 82 16.07 19.34 19.64
N LEU E 83 15.54 18.75 18.55
CA LEU E 83 14.50 17.69 18.64
C LEU E 83 15.08 16.54 19.45
N ASP E 84 16.31 16.13 19.14
CA ASP E 84 16.94 14.99 19.84
C ASP E 84 17.00 15.26 21.34
N ALA E 85 17.38 16.47 21.75
CA ALA E 85 17.47 16.80 23.20
C ALA E 85 16.11 16.50 23.86
N MET E 86 15.02 16.78 23.16
CA MET E 86 13.66 16.57 23.73
C MET E 86 13.41 15.06 23.90
N TRP E 87 13.76 14.23 22.90
CA TRP E 87 13.69 12.76 23.06
C TRP E 87 14.57 12.31 24.24
N GLN E 88 15.77 12.84 24.35
CA GLN E 88 16.76 12.38 25.37
C GLN E 88 16.16 12.72 26.75
N LEU E 89 15.50 13.85 26.88
CA LEU E 89 14.91 14.28 28.19
C LEU E 89 13.74 13.37 28.56
N VAL E 90 12.95 12.92 27.59
CA VAL E 90 11.81 11.99 27.88
C VAL E 90 12.40 10.66 28.35
N GLY E 91 13.47 10.19 27.71
CA GLY E 91 14.20 8.99 28.14
C GLY E 91 14.73 9.14 29.55
N PHE E 92 15.35 10.27 29.83
CA PHE E 92 15.89 10.58 31.18
C PHE E 92 14.74 10.52 32.21
N TYR E 93 13.59 11.10 31.86
CA TYR E 93 12.39 11.11 32.74
C TYR E 93 12.00 9.67 33.11
N LEU E 94 11.92 8.77 32.14
CA LEU E 94 11.52 7.37 32.42
C LEU E 94 12.53 6.71 33.37
N GLY E 95 13.83 6.94 33.16
CA GLY E 95 14.88 6.39 34.05
C GLY E 95 14.77 6.99 35.44
N TRP E 96 14.52 8.29 35.53
CA TRP E 96 14.43 9.05 36.80
C TRP E 96 13.24 8.52 37.61
N GLN E 97 12.17 8.07 36.95
CA GLN E 97 11.00 7.51 37.67
C GLN E 97 11.35 6.15 38.29
N GLY E 98 12.48 5.54 37.91
CA GLY E 98 12.92 4.24 38.46
C GLY E 98 12.56 3.08 37.54
N ASN E 99 12.15 3.32 36.30
CA ASN E 99 11.93 2.22 35.34
C ASN E 99 13.27 1.63 34.88
N PRO E 100 13.32 0.31 34.62
CA PRO E 100 14.50 -0.32 34.03
C PRO E 100 14.51 -0.21 32.50
N GLY E 101 15.69 -0.34 31.92
CA GLY E 101 15.91 -0.54 30.48
C GLY E 101 16.62 0.62 29.80
N ARG E 102 17.11 0.37 28.60
CA ARG E 102 17.89 1.34 27.79
C ARG E 102 16.91 2.07 26.86
N GLY E 103 17.17 3.33 26.60
CA GLY E 103 16.27 4.21 25.84
C GLY E 103 16.35 4.00 24.34
N ARG E 104 15.21 4.08 23.67
CA ARG E 104 15.08 4.22 22.20
C ARG E 104 13.95 5.20 21.91
N ALA E 105 14.20 6.19 21.07
CA ALA E 105 13.14 7.11 20.59
C ALA E 105 12.26 6.30 19.63
N LEU E 106 10.95 6.50 19.68
CA LEU E 106 9.98 5.75 18.86
C LEU E 106 9.34 6.68 17.81
N GLY E 107 9.53 7.98 17.96
CA GLY E 107 9.03 8.97 16.99
C GLY E 107 8.32 10.15 17.61
N SER E 108 7.51 10.83 16.80
CA SER E 108 6.77 12.05 17.23
C SER E 108 5.56 12.26 16.32
N GLY E 109 4.54 12.92 16.84
CA GLY E 109 3.55 13.59 15.99
C GLY E 109 4.20 14.83 15.42
N GLU E 110 3.45 15.87 15.23
CA GLU E 110 3.91 17.05 14.46
C GLU E 110 5.14 17.70 15.11
N VAL E 111 6.19 17.94 14.33
CA VAL E 111 7.32 18.82 14.68
C VAL E 111 7.27 20.07 13.82
N LYS E 112 7.43 21.23 14.45
CA LYS E 112 7.48 22.54 13.75
C LYS E 112 8.74 23.28 14.19
N PHE E 113 9.49 23.75 13.21
CA PHE E 113 10.64 24.65 13.37
C PHE E 113 10.22 26.00 12.79
N PHE E 114 10.23 27.04 13.61
CA PHE E 114 9.80 28.38 13.18
C PHE E 114 10.81 29.39 13.72
N GLY E 115 12.05 28.96 13.92
CA GLY E 115 13.16 29.84 14.35
C GLY E 115 14.46 29.07 14.34
N GLN E 116 15.57 29.66 14.79
CA GLN E 116 16.89 29.03 14.68
C GLN E 116 17.80 29.50 15.81
N VAL E 117 18.86 28.74 16.04
CA VAL E 117 19.90 29.07 17.05
C VAL E 117 21.14 29.46 16.28
N LEU E 118 21.56 30.72 16.40
CA LEU E 118 22.81 31.23 15.77
C LEU E 118 23.98 31.11 16.74
N PRO E 119 25.24 31.14 16.25
CA PRO E 119 26.40 31.08 17.14
C PRO E 119 26.52 32.27 18.12
N THR E 120 25.75 33.34 17.92
CA THR E 120 25.70 34.54 18.81
C THR E 120 24.67 34.36 19.93
N ALA E 121 23.86 33.31 19.92
CA ALA E 121 22.86 33.05 20.98
C ALA E 121 23.62 32.68 22.27
N LYS E 122 22.96 32.79 23.42
CA LYS E 122 23.55 32.51 24.75
C LYS E 122 23.01 31.20 25.30
N LYS E 123 21.70 30.94 25.22
CA LYS E 123 21.14 29.78 25.93
C LYS E 123 19.87 29.26 25.26
N VAL E 124 19.85 27.94 25.05
CA VAL E 124 18.65 27.20 24.59
C VAL E 124 17.98 26.60 25.82
N THR E 125 16.66 26.74 25.88
CA THR E 125 15.82 26.12 26.95
C THR E 125 14.85 25.11 26.33
N TYR E 126 14.83 23.91 26.90
CA TYR E 126 13.87 22.83 26.53
C TYR E 126 12.80 22.72 27.62
N ASN E 127 11.56 22.72 27.20
CA ASN E 127 10.37 22.56 28.08
C ASN E 127 9.67 21.30 27.61
N ILE E 128 9.56 20.30 28.49
CA ILE E 128 8.95 18.99 28.21
C ILE E 128 7.75 18.83 29.15
N HIS E 129 6.58 18.56 28.58
CA HIS E 129 5.32 18.30 29.29
C HIS E 129 4.97 16.82 29.08
N ILE E 130 5.09 16.02 30.13
CA ILE E 130 4.75 14.57 30.11
C ILE E 130 3.23 14.47 29.94
N LYS E 131 2.79 13.70 28.95
CA LYS E 131 1.34 13.53 28.64
C LYS E 131 0.86 12.22 29.25
N ARG E 132 1.60 11.13 29.09
CA ARG E 132 1.22 9.82 29.64
C ARG E 132 2.48 8.95 29.72
N THR E 133 2.57 8.09 30.74
CA THR E 133 3.58 7.02 30.85
C THR E 133 2.82 5.70 31.02
N ILE E 134 3.34 4.62 30.40
CA ILE E 134 2.91 3.22 30.65
C ILE E 134 4.08 2.47 31.29
N ASN E 135 3.78 1.64 32.29
CA ASN E 135 4.74 0.90 33.15
C ASN E 135 4.57 -0.63 33.06
N ARG E 136 3.36 -1.13 32.80
CA ARG E 136 2.93 -2.51 33.15
C ARG E 136 3.81 -3.57 32.48
N SER E 137 3.89 -3.55 31.14
CA SER E 137 4.79 -4.45 30.36
C SER E 137 5.79 -3.58 29.59
N LEU E 138 5.36 -2.95 28.48
CA LEU E 138 6.15 -1.89 27.78
C LEU E 138 6.37 -0.72 28.73
N VAL E 139 7.57 -0.14 28.73
CA VAL E 139 7.82 1.14 29.43
C VAL E 139 7.85 2.21 28.34
N LEU E 140 6.90 3.13 28.29
CA LEU E 140 7.01 4.23 27.31
C LEU E 140 6.33 5.49 27.82
N ALA E 141 6.79 6.62 27.29
CA ALA E 141 6.28 7.94 27.64
C ALA E 141 5.93 8.65 26.36
N ILE E 142 4.86 9.44 26.45
CA ILE E 142 4.42 10.40 25.41
C ILE E 142 4.50 11.77 26.04
N ALA E 143 5.03 12.75 25.31
CA ALA E 143 5.23 14.12 25.82
C ALA E 143 5.10 15.12 24.68
N ASP E 144 4.80 16.35 25.03
CA ASP E 144 4.93 17.51 24.13
C ASP E 144 6.17 18.28 24.59
N GLY E 145 6.78 19.02 23.68
CA GLY E 145 7.97 19.81 23.99
C GLY E 145 8.03 21.09 23.20
N THR E 146 8.73 22.08 23.73
CA THR E 146 9.13 23.30 23.00
C THR E 146 10.61 23.57 23.24
N VAL E 147 11.24 24.20 22.27
CA VAL E 147 12.63 24.71 22.31
C VAL E 147 12.53 26.21 22.17
N SER E 148 13.25 26.94 23.02
CA SER E 148 13.34 28.42 23.02
C SER E 148 14.81 28.81 23.03
N VAL E 149 15.14 29.97 22.46
CA VAL E 149 16.52 30.50 22.49
C VAL E 149 16.43 31.96 22.96
N ASP E 150 17.09 32.28 24.07
CA ASP E 150 17.20 33.66 24.63
C ASP E 150 15.80 34.28 24.70
N GLY E 151 14.79 33.52 25.15
CA GLY E 151 13.42 34.01 25.40
C GLY E 151 12.46 33.83 24.22
N ARG E 152 12.96 33.41 23.06
CA ARG E 152 12.12 33.25 21.86
C ARG E 152 11.78 31.76 21.68
N GLU E 153 10.51 31.39 21.65
CA GLU E 153 10.08 30.02 21.26
C GLU E 153 10.44 29.79 19.79
N ILE E 154 11.12 28.69 19.44
CA ILE E 154 11.50 28.44 18.02
C ILE E 154 11.02 27.07 17.50
N TYR E 155 10.95 26.02 18.33
CA TYR E 155 10.46 24.69 17.88
C TYR E 155 9.34 24.22 18.79
N SER E 156 8.46 23.37 18.26
CA SER E 156 7.46 22.61 19.03
C SER E 156 7.42 21.17 18.50
N ALA E 157 7.12 20.23 19.37
CA ALA E 157 6.89 18.82 19.04
C ALA E 157 5.69 18.33 19.84
N GLU E 158 4.76 17.65 19.18
CA GLU E 158 3.58 17.02 19.81
C GLU E 158 3.79 15.52 19.74
N GLY E 159 3.50 14.81 20.83
CA GLY E 159 3.51 13.34 20.83
C GLY E 159 4.91 12.80 20.62
N LEU E 160 5.95 13.41 21.21
CA LEU E 160 7.26 12.71 21.38
C LEU E 160 6.97 11.36 22.05
N ARG E 161 7.57 10.28 21.52
CA ARG E 161 7.41 8.93 22.08
C ARG E 161 8.78 8.34 22.32
N VAL E 162 9.02 7.85 23.53
CA VAL E 162 10.30 7.19 23.91
C VAL E 162 9.97 5.96 24.74
N GLY E 163 10.71 4.87 24.51
CA GLY E 163 10.57 3.64 25.29
C GLY E 163 11.87 3.25 25.99
N LEU E 164 11.75 2.49 27.08
CA LEU E 164 12.90 1.80 27.72
C LEU E 164 12.76 0.29 27.46
N PHE E 165 13.86 -0.39 27.15
CA PHE E 165 13.94 -1.79 26.67
C PHE E 165 15.01 -2.52 27.45
N THR E 166 14.69 -3.64 28.10
CA THR E 166 15.69 -4.49 28.79
C THR E 166 16.40 -5.35 27.74
N SER E 167 15.82 -5.48 26.55
CA SER E 167 16.47 -6.10 25.36
C SER E 167 16.21 -5.24 24.12
N THR E 168 17.26 -4.86 23.37
CA THR E 168 17.17 -4.12 22.07
C THR E 168 17.59 -5.03 20.90
N ASP E 169 17.68 -6.35 21.09
CA ASP E 169 17.75 -7.36 19.99
C ASP E 169 16.47 -7.36 19.14
N SER E 170 15.33 -7.02 19.74
CA SER E 170 14.04 -6.59 19.11
C SER E 170 14.20 -5.68 17.87
N PHE E 171 14.86 -4.53 18.03
CA PHE E 171 15.04 -3.45 17.02
C PHE E 171 15.92 -3.87 15.82
O1 4JC F . -41.29 -5.17 -9.97
S 4JC F . -41.30 -4.34 -8.65
O 4JC F . -40.32 -3.22 -9.02
N 4JC F . -42.51 -3.95 -8.14
C5 4JC F . -40.70 -5.44 -7.40
C4 4JC F . -39.45 -5.98 -7.60
C3 4JC F . -38.93 -6.81 -6.65
C6 4JC F . -41.43 -5.78 -6.25
C7 4JC F . -40.89 -6.65 -5.32
C2 4JC F . -39.63 -7.18 -5.52
C1 4JC F . -39.04 -8.16 -4.52
C 4JC F . -39.99 -9.38 -4.29
S DMS G . -42.72 -1.72 -5.94
O DMS G . -42.43 -2.88 -5.07
C1 DMS G . -44.36 -2.04 -6.59
C2 DMS G . -43.22 -0.43 -4.82
O1 4JC H . 2.76 -7.03 -15.50
S 4JC H . 2.94 -5.48 -15.28
O 4JC H . 2.19 -5.04 -14.04
N 4JC H . 4.32 -5.00 -15.21
C5 4JC H . 2.30 -4.67 -16.68
C4 4JC H . 3.16 -3.93 -17.49
C3 4JC H . 2.70 -3.28 -18.61
C6 4JC H . 0.96 -4.87 -17.05
C7 4JC H . 0.50 -4.17 -18.16
C2 4JC H . 1.34 -3.41 -18.98
C1 4JC H . 0.84 -2.69 -20.25
C 4JC H . 1.35 -3.38 -21.54
S DMS I . 5.13 -2.29 -14.18
O DMS I . 4.73 -1.95 -15.60
C1 DMS I . 5.84 -0.81 -13.52
C2 DMS I . 6.67 -3.20 -14.33
O1 4JC J . -1.89 -15.16 -6.22
S 4JC J . -3.25 -15.06 -5.37
O 4JC J . -3.58 -13.62 -5.56
N 4JC J . -4.28 -16.01 -5.83
C5 4JC J . -2.86 -15.42 -3.71
C4 4JC J . -1.91 -14.65 -3.02
C3 4JC J . -1.63 -14.87 -1.69
C6 4JC J . -3.47 -16.46 -3.05
C7 4JC J . -3.13 -16.72 -1.75
C2 4JC J . -2.22 -15.95 -1.05
C1 4JC J . -1.96 -16.32 0.39
C 4JC J . -1.22 -17.72 0.49
S DMS K . -7.21 -15.34 -4.81
O DMS K . -6.62 -15.95 -3.59
C1 DMS K . -7.36 -16.70 -5.96
C2 DMS K . -8.94 -15.20 -4.47
O1 4JC L . 19.57 19.91 10.55
S 4JC L . 18.39 21.04 10.26
O 4JC L . 17.19 20.45 10.86
N 4JC L . 18.57 22.27 10.81
C5 4JC L . 18.26 21.23 8.55
C4 4JC L . 17.92 20.14 7.77
C3 4JC L . 17.79 20.30 6.37
C6 4JC L . 18.51 22.47 7.95
C7 4JC L . 18.37 22.61 6.59
C2 4JC L . 18.02 21.55 5.79
C1 4JC L . 17.91 21.78 4.29
C 4JC L . 19.32 22.05 3.71
S DMS M . 16.20 24.35 11.11
O DMS M . 16.60 24.49 9.66
C1 DMS M . 17.54 25.08 12.03
C2 DMS M . 15.05 25.66 11.43
O1 4JC N . 18.89 10.01 19.07
S 4JC N . 17.79 8.86 19.15
O 4JC N . 16.61 9.37 18.41
N 4JC N . 18.18 7.55 18.62
C5 4JC N . 17.36 8.55 20.83
C4 4JC N . 16.82 9.59 21.57
C3 4JC N . 16.42 9.33 22.88
C6 4JC N . 17.55 7.30 21.40
C7 4JC N . 17.22 7.09 22.75
C2 4JC N . 16.62 8.10 23.47
C1 4JC N . 16.27 7.86 24.92
C 4JC N . 17.51 7.90 25.82
S DMS O . 16.17 5.28 17.82
O DMS O . 16.11 5.10 19.29
C1 DMS O . 15.20 3.97 17.17
C2 DMS O . 17.73 4.60 17.30
#